data_5FL6
#
_entry.id   5FL6
#
_cell.length_a   153.220
_cell.length_b   153.220
_cell.length_c   170.810
_cell.angle_alpha   90.00
_cell.angle_beta   90.00
_cell.angle_gamma   120.00
#
_symmetry.space_group_name_H-M   'H 3'
#
loop_
_entity.id
_entity.type
_entity.pdbx_description
1 polymer 'CARBONIC ANHYDRASE IX'
2 non-polymer 5-[1-(4-methylphenyl)-1,2,3-triazol-4-yl]thiophene-2-sulfonamide
3 non-polymer 'ZINC ION'
4 non-polymer GLYCEROL
5 non-polymer 'ACETIC ACID'
6 water water
#
_entity_poly.entity_id   1
_entity_poly.type   'polypeptide(L)'
_entity_poly.pdbx_seq_one_letter_code
;GPDQSHWRYGGDPPWPRVSPACAGRFQSPVDIRPQLAAFSPALRPLELLGFQLPPLPELRLRNNGHSVQLTLPPGLEMAL
GPGREYRALQLHLHWGAAGRPGSEHTVEGHRFPAEIHVVHLSTAFARVDEALGRPGGLAVLAAFLEEGPEENSAYEQLLS
RLEEIAEEGSETQVPGLDISALLPSDFSRYFQYEGSLTTPPCAQGVIWTVFNQTVMLSAKQLHTLSDTLWGPGDSRLQLN
FRATQPLNGRVIEASFP
;
_entity_poly.pdbx_strand_id   A,B,C,D
#
loop_
_chem_comp.id
_chem_comp.type
_chem_comp.name
_chem_comp.formula
ACY non-polymer 'ACETIC ACID' 'C2 H4 O2'
GOL non-polymer GLYCEROL 'C3 H8 O3'
Y0R non-polymer 5-[1-(4-methylphenyl)-1,2,3-triazol-4-yl]thiophene-2-sulfonamide 'C13 H12 N4 O2 S2'
ZN non-polymer 'ZINC ION' 'Zn 2'
#
# COMPACT_ATOMS: atom_id res chain seq x y z
N TRP A 7 -5.15 -21.33 7.78
CA TRP A 7 -6.27 -20.61 8.47
C TRP A 7 -7.64 -21.26 8.17
N ARG A 8 -8.59 -21.01 9.06
CA ARG A 8 -9.98 -21.48 8.91
C ARG A 8 -10.99 -20.50 9.55
N TYR A 9 -12.26 -20.63 9.19
CA TYR A 9 -13.35 -19.99 9.95
C TYR A 9 -13.69 -20.80 11.21
N GLY A 10 -14.03 -20.12 12.30
CA GLY A 10 -14.49 -20.79 13.52
C GLY A 10 -13.46 -21.07 14.60
N GLY A 11 -12.17 -21.16 14.25
CA GLY A 11 -11.14 -21.47 15.25
C GLY A 11 -9.70 -21.27 14.80
N ASP A 12 -8.79 -21.83 15.60
CA ASP A 12 -7.35 -21.61 15.43
C ASP A 12 -6.82 -22.12 14.08
N PRO A 13 -5.74 -21.55 13.55
CA PRO A 13 -4.88 -20.55 14.23
C PRO A 13 -5.44 -19.13 14.26
N PRO A 14 -5.21 -18.36 15.36
CA PRO A 14 -5.60 -16.95 15.33
C PRO A 14 -5.04 -16.27 14.08
N TRP A 15 -5.92 -15.58 13.34
CA TRP A 15 -5.56 -14.94 12.06
C TRP A 15 -4.37 -13.95 12.14
N PRO A 16 -4.25 -13.17 13.24
CA PRO A 16 -3.04 -12.30 13.41
C PRO A 16 -1.72 -13.05 13.49
N ARG A 17 -1.73 -14.31 13.96
CA ARG A 17 -0.54 -15.18 13.90
C ARG A 17 -0.26 -15.58 12.45
N VAL A 18 -1.32 -15.80 11.67
CA VAL A 18 -1.19 -16.13 10.24
C VAL A 18 -0.67 -14.92 9.46
N SER A 19 -1.25 -13.75 9.72
CA SER A 19 -0.82 -12.52 9.08
C SER A 19 -1.07 -11.35 10.02
N PRO A 20 0.00 -10.60 10.41
CA PRO A 20 -0.21 -9.41 11.27
C PRO A 20 -1.27 -8.43 10.74
N ALA A 21 -1.38 -8.31 9.42
CA ALA A 21 -2.37 -7.39 8.80
C ALA A 21 -3.81 -7.70 9.21
N CYS A 22 -4.13 -8.94 9.62
CA CYS A 22 -5.45 -9.25 10.18
C CYS A 22 -5.77 -8.55 11.50
N ALA A 23 -4.79 -7.86 12.10
CA ALA A 23 -5.07 -7.04 13.27
C ALA A 23 -4.91 -5.55 12.99
N GLY A 24 -5.01 -5.15 11.72
CA GLY A 24 -5.00 -3.74 11.39
C GLY A 24 -6.23 -3.04 11.91
N ARG A 25 -6.13 -1.72 12.02
CA ARG A 25 -7.22 -0.90 12.49
C ARG A 25 -8.39 -0.80 11.47
N PHE A 26 -8.13 -1.03 10.19
CA PHE A 26 -9.05 -0.69 9.08
C PHE A 26 -9.41 -1.91 8.22
N GLN A 27 -10.13 -2.81 8.86
CA GLN A 27 -10.48 -4.11 8.29
C GLN A 27 -11.89 -4.15 7.71
N SER A 28 -12.12 -5.21 6.93
CA SER A 28 -13.41 -5.50 6.33
C SER A 28 -13.82 -6.90 6.80
N PRO A 29 -15.09 -7.25 6.72
CA PRO A 29 -16.19 -6.40 6.31
C PRO A 29 -16.64 -5.49 7.41
N VAL A 30 -17.63 -4.65 7.10
CA VAL A 30 -18.14 -3.68 8.05
C VAL A 30 -19.66 -3.68 8.03
N ASP A 31 -20.23 -3.03 9.04
CA ASP A 31 -21.67 -2.78 9.09
C ASP A 31 -21.94 -1.44 8.44
N ILE A 32 -22.75 -1.44 7.38
CA ILE A 32 -23.04 -0.20 6.68
C ILE A 32 -24.29 0.44 7.32
N ARG A 33 -24.15 1.68 7.81
CA ARG A 33 -25.23 2.45 8.37
C ARG A 33 -25.49 3.60 7.39
N PRO A 34 -26.51 3.44 6.53
CA PRO A 34 -26.76 4.41 5.45
C PRO A 34 -26.93 5.84 5.92
N GLN A 35 -27.48 6.06 7.12
CA GLN A 35 -27.60 7.43 7.61
C GLN A 35 -26.26 8.07 7.94
N LEU A 36 -25.26 7.28 8.28
CA LEU A 36 -23.93 7.80 8.55
C LEU A 36 -23.02 7.82 7.31
N ALA A 37 -23.51 7.37 6.15
CA ALA A 37 -22.70 7.37 4.93
C ALA A 37 -22.65 8.77 4.35
N ALA A 38 -21.54 9.13 3.73
CA ALA A 38 -21.39 10.46 3.15
C ALA A 38 -21.76 10.44 1.69
N PHE A 39 -22.76 11.26 1.29
CA PHE A 39 -23.08 11.41 -0.12
C PHE A 39 -21.93 12.04 -0.83
N SER A 40 -21.44 11.35 -1.86
CA SER A 40 -20.32 11.81 -2.63
C SER A 40 -20.68 11.74 -4.13
N PRO A 41 -21.09 12.86 -4.75
CA PRO A 41 -21.48 12.84 -6.16
C PRO A 41 -20.37 12.60 -7.17
N ALA A 42 -19.11 12.57 -6.73
CA ALA A 42 -18.03 12.10 -7.63
C ALA A 42 -18.08 10.59 -7.93
N LEU A 43 -18.88 9.85 -7.17
CA LEU A 43 -19.04 8.41 -7.36
C LEU A 43 -20.04 8.16 -8.50
N ARG A 44 -19.48 7.89 -9.67
CA ARG A 44 -20.25 7.68 -10.89
C ARG A 44 -20.56 6.20 -11.10
N PRO A 45 -21.43 5.92 -12.08
CA PRO A 45 -21.75 4.51 -12.30
C PRO A 45 -20.53 3.67 -12.65
N LEU A 46 -20.44 2.48 -12.06
CA LEU A 46 -19.35 1.56 -12.38
C LEU A 46 -19.43 1.14 -13.87
N GLU A 47 -18.29 0.91 -14.51
CA GLU A 47 -18.21 0.52 -15.92
C GLU A 47 -17.45 -0.79 -16.04
N LEU A 48 -18.05 -1.76 -16.71
CA LEU A 48 -17.47 -3.09 -16.93
C LEU A 48 -17.27 -3.32 -18.42
N LEU A 49 -16.18 -3.93 -18.82
CA LEU A 49 -15.94 -4.18 -20.23
C LEU A 49 -15.38 -5.59 -20.31
N GLY A 50 -15.86 -6.35 -21.30
CA GLY A 50 -15.43 -7.73 -21.55
C GLY A 50 -16.01 -8.79 -20.63
N PHE A 51 -17.05 -8.48 -19.86
CA PHE A 51 -17.61 -9.50 -18.93
C PHE A 51 -18.51 -10.52 -19.61
N GLN A 52 -18.93 -10.25 -20.83
CA GLN A 52 -19.79 -11.16 -21.59
C GLN A 52 -18.89 -12.15 -22.34
N LEU A 53 -18.64 -13.29 -21.72
CA LEU A 53 -17.66 -14.27 -22.23
C LEU A 53 -18.29 -15.24 -23.19
N PRO A 54 -17.49 -15.71 -24.19
CA PRO A 54 -17.92 -16.87 -24.95
C PRO A 54 -17.81 -18.13 -24.08
N PRO A 55 -18.48 -19.21 -24.49
CA PRO A 55 -18.49 -20.45 -23.72
C PRO A 55 -17.09 -21.10 -23.63
N LEU A 56 -16.30 -20.99 -24.70
CA LEU A 56 -14.92 -21.48 -24.73
C LEU A 56 -13.98 -20.32 -24.88
N PRO A 57 -12.87 -20.25 -24.12
CA PRO A 57 -12.42 -21.32 -23.22
C PRO A 57 -13.20 -21.37 -21.91
N GLU A 58 -13.22 -22.55 -21.30
CA GLU A 58 -13.85 -22.76 -20.01
C GLU A 58 -13.06 -22.08 -18.88
N LEU A 59 -13.76 -21.88 -17.77
CA LEU A 59 -13.21 -21.27 -16.56
C LEU A 59 -13.12 -22.32 -15.47
N ARG A 60 -12.20 -22.11 -14.52
CA ARG A 60 -12.05 -23.05 -13.42
C ARG A 60 -12.84 -22.61 -12.21
N LEU A 61 -13.63 -23.54 -11.68
CA LEU A 61 -14.44 -23.36 -10.50
C LEU A 61 -13.94 -24.30 -9.45
N ARG A 62 -13.61 -23.77 -8.28
CA ARG A 62 -12.88 -24.53 -7.28
C ARG A 62 -13.51 -24.40 -5.90
N ASN A 63 -13.65 -25.53 -5.22
CA ASN A 63 -13.96 -25.54 -3.80
C ASN A 63 -12.61 -25.49 -3.12
N ASN A 64 -12.28 -24.36 -2.52
CA ASN A 64 -10.97 -24.24 -1.87
C ASN A 64 -11.00 -24.48 -0.36
N GLY A 65 -12.09 -25.03 0.17
CA GLY A 65 -12.22 -25.30 1.60
C GLY A 65 -12.87 -24.18 2.38
N HIS A 66 -12.75 -22.93 1.89
CA HIS A 66 -13.39 -21.77 2.56
C HIS A 66 -14.37 -20.98 1.69
N SER A 67 -14.45 -21.30 0.39
CA SER A 67 -15.41 -20.70 -0.50
C SER A 67 -15.46 -21.53 -1.77
N VAL A 68 -16.36 -21.15 -2.67
CA VAL A 68 -16.28 -21.59 -4.07
C VAL A 68 -15.82 -20.40 -4.88
N GLN A 69 -14.80 -20.61 -5.72
CA GLN A 69 -14.14 -19.52 -6.44
C GLN A 69 -14.04 -19.84 -7.91
N LEU A 70 -14.49 -18.89 -8.72
CA LEU A 70 -14.39 -18.95 -10.15
C LEU A 70 -13.25 -18.07 -10.58
N THR A 71 -12.32 -18.65 -11.31
CA THR A 71 -11.17 -17.93 -11.83
C THR A 71 -11.59 -17.27 -13.11
N LEU A 72 -11.31 -15.97 -13.22
CA LEU A 72 -11.75 -15.21 -14.38
C LEU A 72 -10.60 -15.07 -15.36
N PRO A 73 -10.90 -15.03 -16.67
CA PRO A 73 -9.84 -14.96 -17.68
C PRO A 73 -9.31 -13.55 -17.85
N PRO A 74 -8.24 -13.38 -18.63
CA PRO A 74 -7.81 -12.03 -18.95
C PRO A 74 -8.85 -11.28 -19.75
N GLY A 75 -8.81 -9.94 -19.67
CA GLY A 75 -9.64 -9.07 -20.50
C GLY A 75 -10.91 -8.55 -19.88
N LEU A 76 -11.12 -8.76 -18.57
CA LEU A 76 -12.32 -8.23 -17.92
C LEU A 76 -11.92 -6.93 -17.25
N GLU A 77 -12.35 -5.82 -17.82
CA GLU A 77 -11.95 -4.51 -17.33
C GLU A 77 -13.08 -3.88 -16.53
N MET A 78 -12.69 -3.23 -15.44
CA MET A 78 -13.63 -2.56 -14.56
C MET A 78 -13.05 -1.22 -14.19
N ALA A 79 -13.88 -0.18 -14.21
CA ALA A 79 -13.44 1.14 -13.74
C ALA A 79 -14.35 1.68 -12.64
N LEU A 80 -13.75 2.16 -11.56
CA LEU A 80 -14.49 2.82 -10.50
C LEU A 80 -14.81 4.26 -10.85
N GLY A 81 -14.11 4.78 -11.84
CA GLY A 81 -14.33 6.13 -12.32
C GLY A 81 -13.25 6.39 -13.36
N PRO A 82 -13.31 7.55 -14.01
CA PRO A 82 -12.29 7.93 -14.97
C PRO A 82 -10.88 7.87 -14.36
N GLY A 83 -10.02 7.09 -14.98
CA GLY A 83 -8.66 6.91 -14.50
C GLY A 83 -8.47 5.95 -13.33
N ARG A 84 -9.52 5.26 -12.89
CA ARG A 84 -9.46 4.31 -11.76
C ARG A 84 -9.74 2.91 -12.34
N GLU A 85 -8.75 2.33 -13.00
CA GLU A 85 -8.94 1.15 -13.84
C GLU A 85 -8.39 -0.10 -13.25
N TYR A 86 -9.09 -1.20 -13.46
CA TYR A 86 -8.87 -2.49 -12.81
C TYR A 86 -9.13 -3.63 -13.80
N ARG A 87 -8.56 -4.80 -13.52
CA ARG A 87 -8.87 -6.03 -14.24
C ARG A 87 -9.36 -7.10 -13.26
N ALA A 88 -10.41 -7.81 -13.63
CA ALA A 88 -10.99 -8.83 -12.74
C ALA A 88 -10.10 -10.05 -12.69
N LEU A 89 -9.94 -10.61 -11.50
CA LEU A 89 -9.15 -11.82 -11.26
C LEU A 89 -10.00 -13.06 -10.99
N GLN A 90 -10.99 -12.91 -10.15
CA GLN A 90 -11.75 -14.06 -9.65
C GLN A 90 -12.99 -13.55 -8.95
N LEU A 91 -13.96 -14.45 -8.81
CA LEU A 91 -15.10 -14.18 -7.93
C LEU A 91 -15.39 -15.39 -7.02
N HIS A 92 -15.99 -15.12 -5.88
CA HIS A 92 -16.32 -16.16 -4.91
C HIS A 92 -17.48 -15.71 -4.08
N LEU A 93 -17.99 -16.65 -3.27
CA LEU A 93 -19.18 -16.43 -2.49
C LEU A 93 -18.98 -16.68 -0.99
N HIS A 94 -19.85 -16.04 -0.22
CA HIS A 94 -19.95 -16.24 1.21
C HIS A 94 -21.41 -16.46 1.55
N TRP A 95 -21.68 -17.42 2.42
CA TRP A 95 -23.03 -17.84 2.69
C TRP A 95 -23.18 -18.42 4.10
N GLY A 96 -24.41 -18.71 4.47
CA GLY A 96 -24.72 -19.16 5.83
C GLY A 96 -25.03 -20.65 5.85
N ALA A 97 -26.19 -20.99 6.39
CA ALA A 97 -26.59 -22.39 6.61
C ALA A 97 -28.11 -22.38 6.74
N ALA A 98 -28.73 -23.55 6.78
CA ALA A 98 -30.19 -23.67 6.89
C ALA A 98 -30.74 -22.67 7.90
N GLY A 99 -31.57 -21.76 7.41
CA GLY A 99 -32.18 -20.72 8.21
C GLY A 99 -31.26 -19.72 8.88
N ARG A 100 -30.01 -19.55 8.39
CA ARG A 100 -29.07 -18.60 9.01
C ARG A 100 -28.35 -17.84 7.89
N PRO A 101 -28.40 -16.49 7.91
CA PRO A 101 -27.76 -15.75 6.83
C PRO A 101 -26.22 -15.76 6.96
N GLY A 102 -25.52 -15.53 5.85
CA GLY A 102 -24.06 -15.53 5.86
C GLY A 102 -23.35 -14.53 4.97
N SER A 103 -23.98 -13.39 4.67
CA SER A 103 -23.26 -12.24 4.06
C SER A 103 -22.16 -11.75 4.98
N GLU A 104 -21.15 -11.11 4.40
CA GLU A 104 -20.03 -10.55 5.16
C GLU A 104 -20.39 -9.17 5.62
N HIS A 105 -20.76 -8.31 4.68
CA HIS A 105 -21.24 -6.99 5.02
C HIS A 105 -22.65 -7.10 5.59
N THR A 106 -22.99 -6.17 6.47
CA THR A 106 -24.36 -6.03 6.97
C THR A 106 -24.79 -4.62 6.73
N VAL A 107 -26.11 -4.42 6.72
CA VAL A 107 -26.70 -3.10 6.61
C VAL A 107 -27.61 -2.88 7.83
N GLU A 108 -27.23 -1.92 8.68
CA GLU A 108 -27.89 -1.66 9.95
C GLU A 108 -28.11 -2.92 10.75
N GLY A 109 -27.06 -3.76 10.81
CA GLY A 109 -27.10 -4.99 11.55
C GLY A 109 -27.75 -6.14 10.79
N HIS A 110 -28.40 -5.90 9.65
CA HIS A 110 -29.05 -6.97 8.90
C HIS A 110 -28.03 -7.76 8.10
N ARG A 111 -28.00 -9.06 8.29
CA ARG A 111 -27.15 -9.94 7.50
C ARG A 111 -28.03 -10.60 6.46
N PHE A 112 -27.54 -10.62 5.22
CA PHE A 112 -28.29 -11.11 4.08
C PHE A 112 -27.92 -12.56 3.87
N PRO A 113 -28.75 -13.32 3.13
CA PRO A 113 -28.46 -14.75 3.00
C PRO A 113 -27.04 -15.06 2.50
N ALA A 114 -26.57 -14.36 1.47
CA ALA A 114 -25.26 -14.63 0.91
C ALA A 114 -24.66 -13.36 0.27
N GLU A 115 -23.41 -13.46 -0.18
CA GLU A 115 -22.72 -12.33 -0.79
C GLU A 115 -21.73 -12.80 -1.84
N ILE A 116 -21.66 -12.08 -2.95
CA ILE A 116 -20.66 -12.31 -3.98
C ILE A 116 -19.58 -11.22 -3.92
N HIS A 117 -18.34 -11.64 -4.08
CA HIS A 117 -17.20 -10.75 -4.24
C HIS A 117 -16.51 -10.98 -5.56
N VAL A 118 -16.28 -9.90 -6.32
CA VAL A 118 -15.52 -9.94 -7.56
C VAL A 118 -14.27 -9.10 -7.32
N VAL A 119 -13.11 -9.76 -7.33
CA VAL A 119 -11.86 -9.20 -6.87
C VAL A 119 -11.12 -8.78 -8.10
N HIS A 120 -10.61 -7.54 -8.07
CA HIS A 120 -9.93 -6.92 -9.18
C HIS A 120 -8.57 -6.39 -8.76
N LEU A 121 -7.66 -6.30 -9.75
CA LEU A 121 -6.30 -5.81 -9.58
C LEU A 121 -6.15 -4.51 -10.33
N SER A 122 -5.58 -3.49 -9.68
CA SER A 122 -5.29 -2.22 -10.36
C SER A 122 -4.41 -2.48 -11.58
N THR A 123 -4.72 -1.81 -12.69
CA THR A 123 -3.88 -1.95 -13.90
C THR A 123 -2.47 -1.39 -13.71
N ALA A 124 -2.19 -0.71 -12.61
CA ALA A 124 -0.82 -0.28 -12.30
C ALA A 124 0.10 -1.41 -11.81
N PHE A 125 -0.47 -2.57 -11.48
CA PHE A 125 0.30 -3.70 -10.96
C PHE A 125 0.15 -4.92 -11.86
N ALA A 126 1.26 -5.63 -12.09
CA ALA A 126 1.26 -6.84 -12.89
C ALA A 126 0.72 -8.03 -12.14
N ARG A 127 0.92 -8.09 -10.82
CA ARG A 127 0.50 -9.22 -10.02
C ARG A 127 -0.10 -8.80 -8.69
N VAL A 128 -0.97 -9.63 -8.17
CA VAL A 128 -1.62 -9.39 -6.87
C VAL A 128 -0.63 -9.14 -5.76
N ASP A 129 0.40 -9.98 -5.67
CA ASP A 129 1.37 -9.82 -4.60
C ASP A 129 2.03 -8.45 -4.53
N GLU A 130 2.22 -7.79 -5.67
CA GLU A 130 2.73 -6.41 -5.67
C GLU A 130 1.69 -5.37 -5.20
N ALA A 131 0.41 -5.65 -5.38
CA ALA A 131 -0.70 -4.77 -5.01
C ALA A 131 -1.13 -4.86 -3.55
N LEU A 132 -0.82 -5.97 -2.88
CA LEU A 132 -1.23 -6.16 -1.49
C LEU A 132 -0.72 -5.05 -0.61
N GLY A 133 -1.62 -4.46 0.16
CA GLY A 133 -1.28 -3.34 1.03
C GLY A 133 -1.00 -1.98 0.38
N ARG A 134 -1.08 -1.87 -0.95
CA ARG A 134 -0.86 -0.59 -1.63
C ARG A 134 -2.20 0.14 -1.80
N PRO A 135 -2.22 1.48 -1.73
CA PRO A 135 -3.52 2.19 -1.80
C PRO A 135 -4.26 1.93 -3.11
N GLY A 136 -5.47 1.39 -3.01
CA GLY A 136 -6.27 1.09 -4.21
C GLY A 136 -5.70 0.02 -5.15
N GLY A 137 -4.75 -0.75 -4.65
CA GLY A 137 -4.12 -1.79 -5.45
C GLY A 137 -5.07 -2.92 -5.84
N LEU A 138 -5.97 -3.28 -4.91
CA LEU A 138 -7.07 -4.18 -5.16
C LEU A 138 -8.43 -3.47 -4.96
N ALA A 139 -9.42 -3.92 -5.73
CA ALA A 139 -10.79 -3.45 -5.57
C ALA A 139 -11.75 -4.62 -5.62
N VAL A 140 -12.70 -4.67 -4.68
CA VAL A 140 -13.71 -5.72 -4.66
C VAL A 140 -15.08 -5.11 -4.94
N LEU A 141 -15.82 -5.72 -5.86
CA LEU A 141 -17.27 -5.45 -6.00
C LEU A 141 -18.05 -6.49 -5.22
N ALA A 142 -18.97 -6.01 -4.40
CA ALA A 142 -19.71 -6.84 -3.49
C ALA A 142 -21.21 -6.63 -3.67
N ALA A 143 -21.98 -7.71 -3.78
CA ALA A 143 -23.44 -7.65 -3.84
C ALA A 143 -24.06 -8.69 -2.94
N PHE A 144 -25.17 -8.33 -2.32
CA PHE A 144 -25.90 -9.26 -1.48
C PHE A 144 -26.77 -10.15 -2.35
N LEU A 145 -26.88 -11.41 -1.95
CA LEU A 145 -27.78 -12.36 -2.57
C LEU A 145 -28.99 -12.58 -1.64
N GLU A 146 -30.19 -12.41 -2.17
CA GLU A 146 -31.45 -12.61 -1.47
C GLU A 146 -32.35 -13.58 -2.22
N GLU A 147 -33.39 -14.06 -1.53
CA GLU A 147 -34.32 -14.97 -2.13
C GLU A 147 -35.32 -14.22 -3.00
N GLY A 148 -35.44 -14.65 -4.25
CA GLY A 148 -36.50 -14.22 -5.15
C GLY A 148 -37.26 -15.43 -5.63
N PRO A 149 -38.32 -15.22 -6.41
CA PRO A 149 -39.21 -16.32 -6.86
C PRO A 149 -38.71 -17.17 -7.99
N GLU A 150 -37.77 -16.65 -8.79
CA GLU A 150 -37.32 -17.33 -10.00
C GLU A 150 -35.93 -17.92 -9.79
N GLU A 151 -35.68 -19.02 -10.48
CA GLU A 151 -34.32 -19.54 -10.62
C GLU A 151 -33.48 -18.50 -11.36
N ASN A 152 -32.36 -18.08 -10.76
CA ASN A 152 -31.42 -17.19 -11.41
C ASN A 152 -30.59 -17.99 -12.39
N SER A 153 -30.77 -17.77 -13.69
CA SER A 153 -30.10 -18.60 -14.70
C SER A 153 -28.57 -18.46 -14.77
N ALA A 154 -28.05 -17.25 -14.50
CA ALA A 154 -26.60 -17.10 -14.47
C ALA A 154 -26.02 -17.85 -13.28
N TYR A 155 -26.59 -17.69 -12.10
CA TYR A 155 -26.12 -18.46 -10.94
C TYR A 155 -26.25 -19.97 -11.08
N GLU A 156 -27.29 -20.42 -11.78
CA GLU A 156 -27.52 -21.85 -11.99
C GLU A 156 -26.37 -22.52 -12.69
N GLN A 157 -25.68 -21.78 -13.54
CA GLN A 157 -24.52 -22.31 -14.24
C GLN A 157 -23.38 -22.72 -13.29
N LEU A 158 -23.25 -22.00 -12.18
CA LEU A 158 -22.28 -22.33 -11.16
C LEU A 158 -22.85 -23.32 -10.17
N LEU A 159 -24.07 -23.04 -9.70
CA LEU A 159 -24.65 -23.80 -8.61
C LEU A 159 -24.95 -25.25 -8.99
N SER A 160 -25.30 -25.48 -10.27
CA SER A 160 -25.55 -26.82 -10.80
C SER A 160 -24.29 -27.69 -10.84
N ARG A 161 -23.12 -27.10 -10.61
CA ARG A 161 -21.85 -27.80 -10.67
C ARG A 161 -21.22 -28.00 -9.31
N LEU A 162 -21.89 -27.55 -8.22
CA LEU A 162 -21.29 -27.68 -6.90
C LEU A 162 -21.16 -29.14 -6.44
N GLU A 163 -22.06 -30.02 -6.91
CA GLU A 163 -22.00 -31.44 -6.56
C GLU A 163 -20.70 -32.09 -7.05
N GLU A 164 -20.27 -31.73 -8.26
CA GLU A 164 -18.96 -32.13 -8.79
C GLU A 164 -17.76 -31.72 -7.95
N ILE A 165 -17.89 -30.64 -7.17
CA ILE A 165 -16.78 -30.13 -6.34
C ILE A 165 -17.09 -30.12 -4.84
N ALA A 166 -17.92 -31.08 -4.41
CA ALA A 166 -18.33 -31.16 -3.00
C ALA A 166 -17.13 -31.30 -2.06
N GLU A 167 -16.14 -32.05 -2.49
CA GLU A 167 -14.97 -32.34 -1.67
C GLU A 167 -14.04 -31.13 -1.59
N GLU A 168 -13.57 -30.81 -0.39
CA GLU A 168 -12.54 -29.81 -0.18
C GLU A 168 -11.40 -29.99 -1.18
N GLY A 169 -10.97 -28.89 -1.78
CA GLY A 169 -9.87 -28.90 -2.72
C GLY A 169 -10.14 -29.44 -4.11
N SER A 170 -11.40 -29.64 -4.48
CA SER A 170 -11.75 -30.13 -5.82
C SER A 170 -12.08 -28.98 -6.76
N GLU A 171 -11.99 -29.26 -8.05
CA GLU A 171 -12.33 -28.25 -9.04
C GLU A 171 -12.95 -28.88 -10.28
N THR A 172 -13.60 -28.02 -11.05
CA THR A 172 -14.19 -28.41 -12.32
C THR A 172 -14.10 -27.24 -13.27
N GLN A 173 -14.34 -27.53 -14.55
CA GLN A 173 -14.34 -26.51 -15.56
C GLN A 173 -15.79 -26.19 -15.91
N VAL A 174 -16.08 -24.92 -16.11
CA VAL A 174 -17.42 -24.47 -16.52
C VAL A 174 -17.32 -23.56 -17.75
N PRO A 175 -18.32 -23.63 -18.65
CA PRO A 175 -18.31 -22.71 -19.78
C PRO A 175 -18.34 -21.24 -19.35
N GLY A 176 -17.70 -20.38 -20.12
CA GLY A 176 -17.81 -18.94 -19.90
C GLY A 176 -19.26 -18.53 -20.00
N LEU A 177 -19.59 -17.44 -19.32
CA LEU A 177 -20.94 -16.92 -19.26
C LEU A 177 -20.84 -15.40 -19.13
N ASP A 178 -21.99 -14.74 -19.09
CA ASP A 178 -22.00 -13.29 -18.81
C ASP A 178 -21.79 -13.10 -17.32
N ILE A 179 -20.55 -12.79 -16.96
CA ILE A 179 -20.14 -12.62 -15.57
C ILE A 179 -20.89 -11.43 -14.93
N SER A 180 -21.22 -10.40 -15.72
CA SER A 180 -22.00 -9.24 -15.21
C SER A 180 -23.40 -9.63 -14.78
N ALA A 181 -23.93 -10.73 -15.31
CA ALA A 181 -25.22 -11.25 -14.90
C ALA A 181 -25.22 -11.86 -13.51
N LEU A 182 -24.05 -12.02 -12.88
CA LEU A 182 -23.98 -12.41 -11.46
C LEU A 182 -24.10 -11.21 -10.52
N LEU A 183 -24.14 -9.99 -11.07
CA LEU A 183 -24.19 -8.79 -10.25
C LEU A 183 -25.51 -8.07 -10.52
N PRO A 184 -25.89 -7.10 -9.66
CA PRO A 184 -27.09 -6.27 -9.92
C PRO A 184 -27.02 -5.50 -11.23
N SER A 185 -28.17 -5.20 -11.83
CA SER A 185 -28.17 -4.36 -13.04
C SER A 185 -27.94 -2.89 -12.67
N ASP A 186 -28.21 -2.49 -11.44
CA ASP A 186 -27.98 -1.11 -11.03
C ASP A 186 -26.52 -0.89 -10.60
N PHE A 187 -25.71 -0.31 -11.49
CA PHE A 187 -24.31 0.04 -11.18
C PHE A 187 -24.11 1.50 -10.70
N SER A 188 -25.20 2.22 -10.48
CA SER A 188 -25.18 3.63 -10.09
C SER A 188 -25.23 3.87 -8.60
N ARG A 189 -25.91 2.97 -7.87
CA ARG A 189 -26.17 3.18 -6.46
C ARG A 189 -25.39 2.19 -5.62
N TYR A 190 -24.44 2.71 -4.86
CA TYR A 190 -23.56 1.86 -4.09
C TYR A 190 -22.89 2.62 -2.96
N PHE A 191 -22.36 1.85 -2.01
CA PHE A 191 -21.54 2.35 -0.96
C PHE A 191 -20.08 2.02 -1.32
N GLN A 192 -19.15 2.87 -0.86
CA GLN A 192 -17.75 2.61 -1.10
C GLN A 192 -16.93 3.06 0.11
N TYR A 193 -15.96 2.22 0.47
CA TYR A 193 -15.05 2.52 1.57
C TYR A 193 -13.71 1.80 1.36
N GLU A 194 -12.71 2.21 2.13
CA GLU A 194 -11.44 1.56 2.10
C GLU A 194 -11.27 0.62 3.28
N GLY A 195 -10.82 -0.60 2.98
CA GLY A 195 -10.67 -1.60 4.00
C GLY A 195 -9.63 -2.62 3.61
N SER A 196 -9.95 -3.89 3.86
CA SER A 196 -8.97 -4.97 3.80
C SER A 196 -9.56 -6.16 3.11
N LEU A 197 -8.70 -7.12 2.77
CA LEU A 197 -9.15 -8.46 2.46
C LEU A 197 -9.75 -9.06 3.74
N THR A 198 -10.77 -9.91 3.55
CA THR A 198 -11.56 -10.44 4.66
C THR A 198 -11.09 -11.81 5.12
N THR A 199 -10.01 -12.30 4.53
CA THR A 199 -9.34 -13.50 4.97
C THR A 199 -7.87 -13.17 4.95
N PRO A 200 -7.02 -13.97 5.63
CA PRO A 200 -5.59 -13.75 5.55
C PRO A 200 -5.17 -13.74 4.11
N PRO A 201 -4.22 -12.88 3.73
CA PRO A 201 -3.44 -12.03 4.64
C PRO A 201 -4.10 -10.72 5.15
N CYS A 202 -5.38 -10.48 4.90
CA CYS A 202 -6.08 -9.27 5.38
C CYS A 202 -5.39 -7.94 5.07
N ALA A 203 -4.72 -7.85 3.92
CA ALA A 203 -4.00 -6.65 3.56
C ALA A 203 -4.97 -5.50 3.40
N GLN A 204 -4.57 -4.32 3.85
CA GLN A 204 -5.39 -3.11 3.78
C GLN A 204 -5.16 -2.40 2.44
N GLY A 205 -5.77 -1.24 2.26
CA GLY A 205 -5.77 -0.53 0.99
C GLY A 205 -6.73 -1.04 -0.07
N VAL A 206 -7.66 -1.89 0.32
CA VAL A 206 -8.63 -2.46 -0.64
C VAL A 206 -9.83 -1.49 -0.76
N ILE A 207 -10.21 -1.14 -1.98
CA ILE A 207 -11.43 -0.36 -2.21
C ILE A 207 -12.61 -1.30 -2.33
N TRP A 208 -13.54 -1.21 -1.38
CA TRP A 208 -14.76 -2.04 -1.39
C TRP A 208 -15.92 -1.21 -1.95
N THR A 209 -16.64 -1.79 -2.91
CA THR A 209 -17.85 -1.20 -3.45
C THR A 209 -18.97 -2.20 -3.20
N VAL A 210 -20.02 -1.75 -2.49
CA VAL A 210 -21.11 -2.60 -2.07
C VAL A 210 -22.36 -2.02 -2.71
N PHE A 211 -22.95 -2.80 -3.63
CA PHE A 211 -24.18 -2.36 -4.34
C PHE A 211 -25.39 -2.21 -3.42
N ASN A 212 -26.19 -1.17 -3.69
CA ASN A 212 -27.54 -0.93 -3.08
C ASN A 212 -28.45 -2.08 -3.49
N GLN A 213 -28.53 -2.35 -4.78
CA GLN A 213 -29.46 -3.37 -5.30
C GLN A 213 -28.93 -4.76 -5.02
N THR A 214 -29.82 -5.69 -4.71
CA THR A 214 -29.43 -7.05 -4.42
C THR A 214 -29.69 -7.96 -5.60
N VAL A 215 -29.11 -9.16 -5.53
CA VAL A 215 -29.27 -10.17 -6.59
C VAL A 215 -30.22 -11.24 -6.04
N MET A 216 -31.09 -11.77 -6.90
CA MET A 216 -32.15 -12.70 -6.51
C MET A 216 -31.81 -14.12 -6.92
N LEU A 217 -31.75 -15.01 -5.93
CA LEU A 217 -31.66 -16.47 -6.17
C LEU A 217 -32.92 -17.15 -5.67
N SER A 218 -33.26 -18.31 -6.20
CA SER A 218 -34.37 -19.10 -5.61
C SER A 218 -33.97 -19.70 -4.26
N ALA A 219 -34.98 -20.01 -3.46
CA ALA A 219 -34.79 -20.77 -2.22
C ALA A 219 -33.94 -22.02 -2.50
N LYS A 220 -34.24 -22.70 -3.60
CA LYS A 220 -33.55 -23.94 -3.93
C LYS A 220 -32.07 -23.66 -4.16
N GLN A 221 -31.80 -22.60 -4.89
CA GLN A 221 -30.42 -22.18 -5.18
C GLN A 221 -29.66 -21.84 -3.91
N LEU A 222 -30.27 -21.06 -3.02
CA LEU A 222 -29.62 -20.71 -1.77
C LEU A 222 -29.33 -21.95 -0.93
N HIS A 223 -30.25 -22.92 -0.91
CA HIS A 223 -30.03 -24.18 -0.21
C HIS A 223 -28.87 -24.98 -0.86
N THR A 224 -28.83 -25.05 -2.18
CA THR A 224 -27.72 -25.71 -2.91
C THR A 224 -26.36 -25.11 -2.53
N LEU A 225 -26.30 -23.78 -2.48
CA LEU A 225 -25.06 -23.11 -2.13
C LEU A 225 -24.55 -23.52 -0.77
N SER A 226 -25.46 -23.55 0.21
CA SER A 226 -25.08 -23.77 1.59
C SER A 226 -25.04 -25.24 2.03
N ASP A 227 -25.59 -26.17 1.23
CA ASP A 227 -25.73 -27.57 1.64
C ASP A 227 -24.90 -28.57 0.84
N THR A 228 -24.14 -28.09 -0.15
CA THR A 228 -23.49 -29.01 -1.07
C THR A 228 -22.00 -29.20 -0.78
N LEU A 229 -21.32 -28.15 -0.31
CA LEU A 229 -19.86 -28.19 -0.26
C LEU A 229 -19.36 -28.56 1.14
N TRP A 230 -18.22 -29.23 1.17
CA TRP A 230 -17.55 -29.66 2.41
C TRP A 230 -16.20 -28.95 2.53
N GLY A 231 -15.80 -28.65 3.75
CA GLY A 231 -14.61 -27.86 4.03
C GLY A 231 -13.58 -28.66 4.82
N PRO A 232 -12.79 -27.96 5.66
CA PRO A 232 -11.76 -28.67 6.44
C PRO A 232 -12.36 -29.71 7.39
N GLY A 233 -11.62 -30.81 7.61
CA GLY A 233 -12.10 -31.93 8.43
C GLY A 233 -13.21 -32.67 7.72
N ASP A 234 -14.22 -33.11 8.47
CA ASP A 234 -15.44 -33.64 7.87
C ASP A 234 -16.58 -32.62 8.05
N SER A 235 -16.27 -31.32 7.92
CA SER A 235 -17.24 -30.25 8.20
C SER A 235 -17.90 -29.75 6.94
N ARG A 236 -19.19 -29.48 7.02
CA ARG A 236 -19.86 -28.73 5.95
C ARG A 236 -19.23 -27.35 5.78
N LEU A 237 -19.09 -26.92 4.52
CA LEU A 237 -18.57 -25.59 4.21
C LEU A 237 -19.76 -24.64 4.26
N GLN A 238 -19.92 -24.01 5.41
CA GLN A 238 -21.04 -23.13 5.73
C GLN A 238 -20.59 -21.99 6.63
N LEU A 239 -21.39 -20.94 6.70
CA LEU A 239 -21.13 -19.82 7.60
C LEU A 239 -19.69 -19.30 7.41
N ASN A 240 -19.28 -19.21 6.15
CA ASN A 240 -17.94 -18.84 5.76
C ASN A 240 -17.81 -17.33 5.58
N PHE A 241 -18.02 -16.61 6.68
CA PHE A 241 -17.92 -15.16 6.72
C PHE A 241 -17.18 -14.70 7.96
N ARG A 242 -16.47 -13.58 7.82
CA ARG A 242 -15.78 -12.96 8.94
C ARG A 242 -16.74 -12.04 9.67
N ALA A 243 -16.54 -11.90 10.97
CA ALA A 243 -17.39 -11.02 11.77
C ALA A 243 -17.15 -9.59 11.31
N THR A 244 -18.15 -8.70 11.47
CA THR A 244 -17.95 -7.31 11.05
C THR A 244 -16.91 -6.65 11.93
N GLN A 245 -16.17 -5.75 11.33
CA GLN A 245 -15.07 -5.03 11.92
C GLN A 245 -15.47 -3.59 12.09
N PRO A 246 -15.00 -2.93 13.17
CA PRO A 246 -15.43 -1.53 13.39
C PRO A 246 -14.90 -0.61 12.30
N LEU A 247 -15.65 0.43 12.00
CA LEU A 247 -15.20 1.44 11.06
C LEU A 247 -13.99 2.19 11.60
N ASN A 248 -13.95 2.39 12.92
CA ASN A 248 -12.80 3.01 13.58
C ASN A 248 -12.47 4.37 12.99
N GLY A 249 -13.51 5.11 12.62
CA GLY A 249 -13.37 6.48 12.13
C GLY A 249 -13.45 6.65 10.63
N ARG A 250 -13.36 5.56 9.87
CA ARG A 250 -13.60 5.63 8.44
C ARG A 250 -15.04 6.06 8.21
N VAL A 251 -15.25 6.76 7.12
CA VAL A 251 -16.60 7.21 6.74
C VAL A 251 -16.91 6.49 5.44
N ILE A 252 -18.03 5.78 5.39
CA ILE A 252 -18.43 5.12 4.17
C ILE A 252 -19.06 6.15 3.25
N GLU A 253 -18.74 6.13 1.97
CA GLU A 253 -19.32 7.04 1.00
C GLU A 253 -20.46 6.31 0.27
N ALA A 254 -21.45 7.09 -0.14
CA ALA A 254 -22.60 6.58 -0.91
C ALA A 254 -22.66 7.40 -2.17
N SER A 255 -23.08 6.77 -3.26
CA SER A 255 -23.16 7.44 -4.55
C SER A 255 -24.51 8.17 -4.74
N PHE A 256 -25.33 8.23 -3.70
CA PHE A 256 -26.69 8.79 -3.79
C PHE A 256 -26.99 9.43 -2.44
N PRO A 257 -27.81 10.48 -2.41
CA PRO A 257 -28.14 11.14 -1.14
C PRO A 257 -29.10 10.34 -0.26
N TRP B 7 14.54 18.57 -20.46
CA TRP B 7 13.28 19.27 -20.93
C TRP B 7 13.29 20.72 -20.45
N ARG B 8 12.47 21.57 -21.06
CA ARG B 8 12.36 22.97 -20.63
C ARG B 8 10.93 23.49 -20.67
N TYR B 9 10.70 24.59 -19.96
CA TYR B 9 9.47 25.36 -20.10
C TYR B 9 9.53 26.18 -21.38
N GLY B 10 8.50 26.06 -22.23
CA GLY B 10 8.39 26.80 -23.49
C GLY B 10 9.13 26.24 -24.71
N GLY B 11 9.62 25.00 -24.63
CA GLY B 11 10.38 24.37 -25.73
C GLY B 11 9.49 23.85 -26.85
N ASP B 12 10.12 23.49 -27.96
CA ASP B 12 9.44 22.92 -29.13
C ASP B 12 10.43 21.96 -29.83
N PRO B 13 10.12 20.66 -29.98
CA PRO B 13 8.81 20.07 -29.69
C PRO B 13 8.39 20.10 -28.20
N PRO B 14 7.07 20.06 -27.93
CA PRO B 14 6.61 20.02 -26.55
C PRO B 14 6.93 18.69 -25.85
N TRP B 15 6.52 18.58 -24.59
CA TRP B 15 6.93 17.48 -23.73
C TRP B 15 6.55 16.06 -24.20
N PRO B 16 5.37 15.89 -24.81
CA PRO B 16 5.01 14.54 -25.26
C PRO B 16 6.02 13.83 -26.18
N ARG B 17 6.79 14.58 -26.98
CA ARG B 17 7.75 13.96 -27.89
C ARG B 17 8.85 13.19 -27.12
N VAL B 18 9.45 13.84 -26.14
CA VAL B 18 10.44 13.19 -25.26
C VAL B 18 9.80 12.32 -24.14
N SER B 19 8.63 12.74 -23.63
CA SER B 19 7.96 12.05 -22.52
C SER B 19 6.49 11.79 -22.86
N PRO B 20 6.22 10.66 -23.56
CA PRO B 20 4.86 10.33 -24.01
C PRO B 20 3.78 10.33 -22.91
N ALA B 21 4.16 10.04 -21.67
CA ALA B 21 3.24 10.08 -20.53
C ALA B 21 2.61 11.47 -20.32
N CYS B 22 3.29 12.50 -20.80
CA CYS B 22 2.77 13.86 -20.75
C CYS B 22 1.56 14.08 -21.60
N ALA B 23 1.29 13.14 -22.53
CA ALA B 23 0.03 13.14 -23.28
C ALA B 23 -0.97 12.14 -22.74
N GLY B 24 -0.81 11.68 -21.49
CA GLY B 24 -1.84 10.87 -20.85
C GLY B 24 -3.16 11.63 -20.67
N ARG B 25 -4.22 10.88 -20.40
CA ARG B 25 -5.56 11.45 -20.24
C ARG B 25 -5.79 12.21 -18.93
N PHE B 26 -5.01 11.92 -17.89
CA PHE B 26 -5.29 12.41 -16.55
C PHE B 26 -4.13 13.16 -15.93
N GLN B 27 -3.87 14.31 -16.53
CA GLN B 27 -2.74 15.15 -16.20
C GLN B 27 -3.09 16.31 -15.25
N SER B 28 -2.02 16.94 -14.77
CA SER B 28 -2.10 18.12 -13.91
C SER B 28 -1.18 19.22 -14.49
N PRO B 29 -1.42 20.49 -14.18
CA PRO B 29 -2.50 20.96 -13.32
C PRO B 29 -3.82 21.14 -14.07
N VAL B 30 -4.84 21.57 -13.34
CA VAL B 30 -6.20 21.78 -13.89
C VAL B 30 -6.78 23.11 -13.39
N ASP B 31 -7.84 23.56 -14.05
CA ASP B 31 -8.62 24.69 -13.61
C ASP B 31 -9.68 24.18 -12.66
N ILE B 32 -9.73 24.78 -11.47
CA ILE B 32 -10.68 24.40 -10.44
C ILE B 32 -11.91 25.30 -10.61
N ARG B 33 -13.08 24.68 -10.79
CA ARG B 33 -14.36 25.36 -10.92
C ARG B 33 -15.19 24.97 -9.73
N PRO B 34 -15.20 25.79 -8.66
CA PRO B 34 -15.80 25.32 -7.42
C PRO B 34 -17.28 24.99 -7.48
N GLN B 35 -18.04 25.65 -8.36
CA GLN B 35 -19.48 25.28 -8.52
C GLN B 35 -19.68 23.88 -9.08
N LEU B 36 -18.64 23.35 -9.74
CA LEU B 36 -18.64 22.00 -10.27
C LEU B 36 -17.93 20.99 -9.41
N ALA B 37 -17.36 21.39 -8.29
CA ALA B 37 -16.68 20.45 -7.41
C ALA B 37 -17.72 19.64 -6.66
N ALA B 38 -17.41 18.38 -6.40
CA ALA B 38 -18.27 17.50 -5.63
C ALA B 38 -17.92 17.58 -4.15
N PHE B 39 -18.82 18.11 -3.33
CA PHE B 39 -18.66 18.11 -1.87
C PHE B 39 -18.69 16.68 -1.37
N SER B 40 -17.61 16.17 -0.74
CA SER B 40 -17.75 14.89 0.00
C SER B 40 -17.36 15.10 1.41
N PRO B 41 -18.34 14.99 2.30
CA PRO B 41 -18.01 15.13 3.69
C PRO B 41 -17.15 14.02 4.26
N ALA B 42 -16.88 12.95 3.52
CA ALA B 42 -15.84 12.02 3.95
C ALA B 42 -14.43 12.61 3.98
N LEU B 43 -14.19 13.74 3.31
CA LEU B 43 -12.88 14.36 3.29
C LEU B 43 -12.60 15.05 4.65
N ARG B 44 -11.71 14.47 5.45
CA ARG B 44 -11.41 14.97 6.79
C ARG B 44 -10.28 16.02 6.76
N PRO B 45 -10.11 16.78 7.86
CA PRO B 45 -9.02 17.73 7.90
C PRO B 45 -7.66 17.00 7.72
N LEU B 46 -6.78 17.63 6.98
CA LEU B 46 -5.44 17.11 6.75
C LEU B 46 -4.72 17.07 8.09
N GLU B 47 -3.92 16.03 8.29
CA GLU B 47 -3.08 15.92 9.48
C GLU B 47 -1.61 15.97 9.06
N LEU B 48 -0.87 16.95 9.60
CA LEU B 48 0.55 17.12 9.32
C LEU B 48 1.33 17.18 10.64
N LEU B 49 2.09 16.12 10.95
CA LEU B 49 2.91 16.05 12.16
C LEU B 49 4.38 15.97 11.83
N GLY B 50 5.20 16.49 12.73
CA GLY B 50 6.65 16.52 12.54
C GLY B 50 7.15 17.66 11.66
N PHE B 51 6.28 18.61 11.31
CA PHE B 51 6.65 19.69 10.37
C PHE B 51 7.39 20.86 11.00
N GLN B 52 7.34 20.95 12.32
CA GLN B 52 7.94 22.09 13.03
C GLN B 52 9.41 21.78 13.31
N LEU B 53 10.25 22.01 12.32
CA LEU B 53 11.64 21.57 12.38
C LEU B 53 12.47 22.51 13.25
N PRO B 54 13.39 21.94 14.05
CA PRO B 54 14.32 22.82 14.79
C PRO B 54 15.37 23.47 13.88
N PRO B 55 16.10 24.50 14.39
CA PRO B 55 17.12 25.19 13.58
C PRO B 55 18.23 24.31 13.02
N LEU B 56 18.56 23.21 13.70
CA LEU B 56 19.54 22.25 13.21
C LEU B 56 18.93 20.88 13.28
N PRO B 57 19.23 19.97 12.34
CA PRO B 57 20.16 20.17 11.24
C PRO B 57 19.64 21.13 10.17
N GLU B 58 20.56 21.61 9.35
CA GLU B 58 20.23 22.48 8.25
C GLU B 58 19.61 21.65 7.11
N LEU B 59 18.97 22.35 6.18
CA LEU B 59 18.27 21.73 5.06
C LEU B 59 18.87 22.20 3.73
N ARG B 60 18.97 21.29 2.78
CA ARG B 60 19.47 21.60 1.44
C ARG B 60 18.44 22.38 0.63
N LEU B 61 18.85 23.55 0.13
CA LEU B 61 18.04 24.37 -0.77
C LEU B 61 18.78 24.50 -2.10
N ARG B 62 18.13 24.10 -3.20
CA ARG B 62 18.82 23.96 -4.49
C ARG B 62 18.06 24.65 -5.65
N ASN B 63 18.77 25.42 -6.46
CA ASN B 63 18.29 25.87 -7.78
C ASN B 63 18.59 24.75 -8.73
N ASN B 64 17.56 24.03 -9.14
CA ASN B 64 17.75 22.91 -10.09
C ASN B 64 17.49 23.33 -11.52
N GLY B 65 17.25 24.62 -11.76
CA GLY B 65 17.00 25.10 -13.10
C GLY B 65 15.54 25.16 -13.52
N HIS B 66 14.68 24.39 -12.85
CA HIS B 66 13.24 24.41 -13.07
C HIS B 66 12.43 24.97 -11.89
N SER B 67 13.02 25.00 -10.69
CA SER B 67 12.42 25.57 -9.50
C SER B 67 13.51 25.78 -8.46
N VAL B 68 13.13 26.29 -7.30
CA VAL B 68 13.94 26.17 -6.09
C VAL B 68 13.32 25.06 -5.24
N GLN B 69 14.14 24.11 -4.80
CA GLN B 69 13.66 22.92 -4.09
C GLN B 69 14.38 22.76 -2.76
N LEU B 70 13.57 22.62 -1.71
CA LEU B 70 14.01 22.35 -0.36
C LEU B 70 13.86 20.87 -0.05
N THR B 71 14.96 20.23 0.32
CA THR B 71 14.92 18.82 0.72
C THR B 71 14.43 18.73 2.16
N LEU B 72 13.46 17.86 2.40
CA LEU B 72 12.92 17.70 3.74
C LEU B 72 13.48 16.45 4.38
N PRO B 73 13.69 16.49 5.70
CA PRO B 73 14.22 15.34 6.42
C PRO B 73 13.14 14.30 6.68
N PRO B 74 13.54 13.12 7.19
CA PRO B 74 12.56 12.14 7.65
C PRO B 74 11.73 12.65 8.81
N GLY B 75 10.53 12.08 8.99
CA GLY B 75 9.68 12.39 10.12
C GLY B 75 8.52 13.36 9.88
N LEU B 76 8.38 13.89 8.67
CA LEU B 76 7.22 14.77 8.35
C LEU B 76 6.10 13.84 7.86
N GLU B 77 5.17 13.53 8.75
CA GLU B 77 4.12 12.56 8.48
C GLU B 77 2.83 13.32 8.13
N MET B 78 2.14 12.84 7.11
CA MET B 78 0.91 13.49 6.62
C MET B 78 -0.14 12.42 6.36
N ALA B 79 -1.41 12.69 6.70
CA ALA B 79 -2.50 11.74 6.41
C ALA B 79 -3.57 12.43 5.61
N LEU B 80 -4.00 11.78 4.52
CA LEU B 80 -5.17 12.23 3.76
C LEU B 80 -6.47 11.64 4.32
N GLY B 81 -6.35 10.59 5.11
CA GLY B 81 -7.49 9.98 5.73
C GLY B 81 -7.04 8.89 6.64
N PRO B 82 -8.00 8.22 7.30
CA PRO B 82 -7.60 7.26 8.34
C PRO B 82 -6.74 6.16 7.75
N GLY B 83 -5.55 5.98 8.28
CA GLY B 83 -4.61 5.00 7.73
C GLY B 83 -3.97 5.30 6.38
N ARG B 84 -4.23 6.46 5.79
CA ARG B 84 -3.74 6.78 4.46
C ARG B 84 -2.63 7.81 4.62
N GLU B 85 -1.43 7.30 4.86
CA GLU B 85 -0.34 8.11 5.34
C GLU B 85 0.80 8.22 4.36
N TYR B 86 1.52 9.31 4.54
CA TYR B 86 2.51 9.83 3.62
C TYR B 86 3.68 10.42 4.45
N ARG B 87 4.88 10.45 3.88
CA ARG B 87 5.98 11.22 4.42
C ARG B 87 6.45 12.26 3.39
N ALA B 88 6.69 13.48 3.86
CA ALA B 88 7.10 14.58 2.99
C ALA B 88 8.53 14.39 2.51
N LEU B 89 8.79 14.65 1.24
CA LEU B 89 10.13 14.48 0.67
C LEU B 89 10.84 15.77 0.39
N GLN B 90 10.09 16.73 -0.18
CA GLN B 90 10.63 18.00 -0.63
C GLN B 90 9.50 18.99 -0.88
N LEU B 91 9.84 20.27 -0.90
CA LEU B 91 8.92 21.28 -1.39
C LEU B 91 9.61 22.17 -2.40
N HIS B 92 8.80 22.80 -3.27
CA HIS B 92 9.32 23.69 -4.31
C HIS B 92 8.21 24.63 -4.74
N LEU B 93 8.54 25.57 -5.59
CA LEU B 93 7.63 26.65 -5.95
C LEU B 93 7.49 26.80 -7.48
N HIS B 94 6.38 27.39 -7.90
CA HIS B 94 6.16 27.78 -9.27
C HIS B 94 5.76 29.23 -9.23
N TRP B 95 6.30 30.01 -10.15
CA TRP B 95 6.04 31.45 -10.13
C TRP B 95 6.10 32.08 -11.53
N GLY B 96 5.78 33.37 -11.59
CA GLY B 96 5.64 34.05 -12.88
C GLY B 96 6.81 34.93 -13.23
N ALA B 97 6.52 36.19 -13.47
CA ALA B 97 7.52 37.21 -13.80
C ALA B 97 6.90 38.56 -13.49
N ALA B 98 7.64 39.65 -13.69
CA ALA B 98 7.12 41.00 -13.37
C ALA B 98 5.73 41.22 -13.95
N GLY B 99 4.74 41.47 -13.10
CA GLY B 99 3.36 41.62 -13.56
C GLY B 99 2.75 40.41 -14.29
N ARG B 100 3.29 39.21 -14.06
CA ARG B 100 2.78 38.01 -14.72
C ARG B 100 2.62 36.94 -13.64
N PRO B 101 1.38 36.48 -13.37
CA PRO B 101 1.21 35.39 -12.39
C PRO B 101 1.77 34.05 -12.89
N GLY B 102 2.16 33.19 -11.97
CA GLY B 102 2.70 31.89 -12.36
C GLY B 102 2.31 30.65 -11.57
N SER B 103 1.12 30.65 -10.96
CA SER B 103 0.61 29.44 -10.34
C SER B 103 0.35 28.39 -11.44
N GLU B 104 0.28 27.13 -11.00
CA GLU B 104 0.02 26.01 -11.92
C GLU B 104 -1.46 25.75 -12.02
N HIS B 105 -2.08 25.49 -10.88
CA HIS B 105 -3.53 25.42 -10.80
C HIS B 105 -4.08 26.85 -10.97
N THR B 106 -5.30 26.90 -11.49
CA THR B 106 -6.07 28.12 -11.58
C THR B 106 -7.45 27.88 -10.97
N VAL B 107 -8.13 28.98 -10.61
CA VAL B 107 -9.48 28.92 -10.08
C VAL B 107 -10.36 29.79 -10.95
N GLU B 108 -11.33 29.16 -11.60
CA GLU B 108 -12.19 29.81 -12.58
C GLU B 108 -11.38 30.66 -13.55
N GLY B 109 -10.23 30.13 -13.98
CA GLY B 109 -9.40 30.80 -14.96
C GLY B 109 -8.43 31.81 -14.34
N HIS B 110 -8.54 32.11 -13.05
CA HIS B 110 -7.62 33.04 -12.40
C HIS B 110 -6.31 32.34 -12.02
N ARG B 111 -5.21 32.90 -12.50
CA ARG B 111 -3.88 32.43 -12.16
C ARG B 111 -3.34 33.29 -11.02
N PHE B 112 -2.91 32.64 -9.95
CA PHE B 112 -2.35 33.33 -8.79
C PHE B 112 -0.86 33.66 -9.02
N PRO B 113 -0.33 34.64 -8.26
CA PRO B 113 1.09 34.98 -8.45
C PRO B 113 2.05 33.76 -8.38
N ALA B 114 1.85 32.86 -7.42
CA ALA B 114 2.74 31.70 -7.29
C ALA B 114 2.04 30.54 -6.59
N GLU B 115 2.73 29.40 -6.49
CA GLU B 115 2.16 28.20 -5.88
C GLU B 115 3.28 27.37 -5.25
N ILE B 116 3.01 26.83 -4.08
CA ILE B 116 3.92 25.95 -3.39
C ILE B 116 3.42 24.52 -3.48
N HIS B 117 4.36 23.61 -3.72
CA HIS B 117 4.09 22.17 -3.74
C HIS B 117 4.92 21.46 -2.72
N VAL B 118 4.25 20.74 -1.80
CA VAL B 118 4.90 19.85 -0.87
C VAL B 118 4.63 18.41 -1.30
N VAL B 119 5.68 17.73 -1.76
CA VAL B 119 5.57 16.42 -2.36
C VAL B 119 5.81 15.32 -1.34
N HIS B 120 4.92 14.32 -1.30
CA HIS B 120 4.96 13.28 -0.33
C HIS B 120 4.96 11.88 -0.96
N LEU B 121 5.52 10.92 -0.25
CA LEU B 121 5.55 9.53 -0.66
C LEU B 121 4.65 8.72 0.25
N SER B 122 3.77 7.91 -0.35
CA SER B 122 2.95 6.95 0.44
C SER B 122 3.84 6.03 1.27
N THR B 123 3.46 5.82 2.52
CA THR B 123 4.17 4.87 3.39
C THR B 123 4.11 3.41 2.92
N ALA B 124 3.23 3.09 1.96
CA ALA B 124 3.19 1.75 1.37
C ALA B 124 4.26 1.51 0.33
N PHE B 125 5.02 2.54 -0.04
CA PHE B 125 6.10 2.39 -1.00
C PHE B 125 7.38 2.84 -0.33
N ALA B 126 8.44 2.05 -0.52
CA ALA B 126 9.75 2.35 0.04
C ALA B 126 10.46 3.42 -0.76
N ARG B 127 10.22 3.44 -2.06
CA ARG B 127 10.91 4.30 -2.97
C ARG B 127 9.94 5.05 -3.86
N VAL B 128 10.35 6.24 -4.27
CA VAL B 128 9.61 7.09 -5.19
C VAL B 128 9.41 6.38 -6.52
N ASP B 129 10.44 5.71 -7.03
CA ASP B 129 10.32 5.08 -8.34
C ASP B 129 9.31 3.92 -8.41
N GLU B 130 9.10 3.24 -7.28
CA GLU B 130 8.00 2.29 -7.14
C GLU B 130 6.62 2.96 -7.14
N ALA B 131 6.55 4.16 -6.56
CA ALA B 131 5.29 4.87 -6.42
C ALA B 131 4.85 5.59 -7.72
N LEU B 132 5.80 5.89 -8.61
CA LEU B 132 5.48 6.62 -9.84
C LEU B 132 4.55 5.79 -10.67
N GLY B 133 3.42 6.39 -11.06
CA GLY B 133 2.43 5.71 -11.86
C GLY B 133 1.45 4.83 -11.10
N ARG B 134 1.63 4.69 -9.78
CA ARG B 134 0.73 3.86 -8.97
C ARG B 134 -0.27 4.82 -8.31
N PRO B 135 -1.56 4.42 -8.21
CA PRO B 135 -2.57 5.32 -7.64
C PRO B 135 -2.29 5.63 -6.19
N GLY B 136 -2.23 6.92 -5.88
CA GLY B 136 -1.93 7.37 -4.53
C GLY B 136 -0.50 7.17 -4.08
N GLY B 137 0.40 6.79 -4.98
CA GLY B 137 1.80 6.55 -4.63
C GLY B 137 2.44 7.81 -4.13
N LEU B 138 2.18 8.92 -4.84
CA LEU B 138 2.61 10.26 -4.42
C LEU B 138 1.38 11.12 -4.15
N ALA B 139 1.54 12.04 -3.21
CA ALA B 139 0.56 13.04 -2.88
C ALA B 139 1.23 14.37 -2.73
N VAL B 140 0.68 15.38 -3.38
CA VAL B 140 1.21 16.74 -3.33
C VAL B 140 0.18 17.64 -2.63
N LEU B 141 0.63 18.41 -1.64
CA LEU B 141 -0.14 19.49 -1.06
C LEU B 141 0.23 20.76 -1.79
N ALA B 142 -0.77 21.47 -2.32
CA ALA B 142 -0.56 22.67 -3.12
C ALA B 142 -1.27 23.85 -2.48
N ALA B 143 -0.59 25.01 -2.43
CA ALA B 143 -1.24 26.23 -1.95
C ALA B 143 -0.89 27.40 -2.83
N PHE B 144 -1.87 28.29 -3.05
CA PHE B 144 -1.61 29.51 -3.79
C PHE B 144 -0.97 30.56 -2.90
N LEU B 145 -0.02 31.29 -3.48
CA LEU B 145 0.63 32.46 -2.89
C LEU B 145 0.12 33.71 -3.60
N GLU B 146 -0.46 34.63 -2.82
CA GLU B 146 -1.01 35.90 -3.32
C GLU B 146 -0.27 37.09 -2.71
N GLU B 147 -0.51 38.25 -3.29
CA GLU B 147 0.06 39.50 -2.78
C GLU B 147 -0.76 40.05 -1.61
N GLY B 148 -0.08 40.35 -0.51
CA GLY B 148 -0.69 40.98 0.66
C GLY B 148 0.19 42.14 1.12
N PRO B 149 -0.25 42.89 2.13
CA PRO B 149 0.49 44.10 2.52
C PRO B 149 1.73 43.86 3.39
N GLU B 150 1.87 42.67 3.96
CA GLU B 150 2.93 42.41 4.93
C GLU B 150 3.96 41.40 4.45
N GLU B 151 5.17 41.55 4.96
CA GLU B 151 6.24 40.58 4.75
C GLU B 151 5.84 39.28 5.42
N ASN B 152 5.88 38.18 4.67
CA ASN B 152 5.57 36.86 5.23
C ASN B 152 6.80 36.29 5.89
N SER B 153 6.71 35.97 7.17
CA SER B 153 7.88 35.51 7.93
C SER B 153 8.40 34.16 7.47
N ALA B 154 7.49 33.21 7.27
CA ALA B 154 7.88 31.87 6.85
C ALA B 154 8.62 31.88 5.53
N TYR B 155 8.05 32.56 4.54
CA TYR B 155 8.64 32.60 3.21
C TYR B 155 9.95 33.41 3.15
N GLU B 156 10.10 34.39 4.05
CA GLU B 156 11.36 35.15 4.13
C GLU B 156 12.60 34.28 4.38
N GLN B 157 12.44 33.21 5.14
CA GLN B 157 13.51 32.23 5.35
C GLN B 157 14.00 31.59 4.05
N LEU B 158 13.11 31.40 3.08
CA LEU B 158 13.49 30.84 1.79
C LEU B 158 13.97 31.92 0.83
N LEU B 159 13.19 32.99 0.73
CA LEU B 159 13.41 34.05 -0.25
C LEU B 159 14.73 34.78 -0.02
N SER B 160 15.05 35.05 1.25
CA SER B 160 16.31 35.72 1.60
C SER B 160 17.56 34.91 1.19
N ARG B 161 17.41 33.60 0.96
CA ARG B 161 18.52 32.74 0.51
C ARG B 161 18.66 32.51 -0.99
N LEU B 162 17.78 33.11 -1.80
CA LEU B 162 17.81 32.85 -3.23
C LEU B 162 19.04 33.46 -3.93
N GLU B 163 19.51 34.61 -3.44
CA GLU B 163 20.75 35.22 -3.95
C GLU B 163 21.95 34.27 -3.88
N GLU B 164 22.03 33.50 -2.79
CA GLU B 164 23.06 32.46 -2.68
C GLU B 164 23.01 31.40 -3.76
N ILE B 165 21.83 31.17 -4.36
CA ILE B 165 21.69 30.07 -5.32
C ILE B 165 21.20 30.53 -6.69
N ALA B 166 21.58 31.75 -7.06
CA ALA B 166 21.11 32.38 -8.29
C ALA B 166 21.46 31.58 -9.55
N GLU B 167 22.65 30.94 -9.56
CA GLU B 167 23.09 30.16 -10.71
C GLU B 167 22.41 28.80 -10.72
N GLU B 168 21.94 28.41 -11.89
CA GLU B 168 21.40 27.07 -12.12
C GLU B 168 22.34 26.01 -11.60
N GLY B 169 21.81 25.05 -10.85
CA GLY B 169 22.62 23.97 -10.31
C GLY B 169 23.28 24.26 -8.96
N SER B 170 23.25 25.50 -8.49
CA SER B 170 23.85 25.82 -7.21
C SER B 170 22.91 25.42 -6.07
N GLU B 171 23.51 25.18 -4.91
CA GLU B 171 22.78 24.86 -3.70
C GLU B 171 23.40 25.50 -2.47
N THR B 172 22.66 25.48 -1.37
CA THR B 172 23.11 26.01 -0.11
C THR B 172 22.38 25.32 1.05
N GLN B 173 22.92 25.41 2.26
CA GLN B 173 22.29 24.85 3.45
C GLN B 173 21.60 25.97 4.19
N VAL B 174 20.37 25.74 4.61
CA VAL B 174 19.61 26.76 5.32
C VAL B 174 19.19 26.19 6.66
N PRO B 175 19.01 27.06 7.66
CA PRO B 175 18.53 26.54 8.95
C PRO B 175 17.15 25.92 8.84
N GLY B 176 16.85 25.00 9.75
CA GLY B 176 15.53 24.42 9.86
C GLY B 176 14.50 25.48 10.12
N LEU B 177 13.27 25.20 9.67
CA LEU B 177 12.15 26.12 9.77
C LEU B 177 10.86 25.33 9.93
N ASP B 178 9.80 26.01 10.38
CA ASP B 178 8.50 25.39 10.48
C ASP B 178 7.89 25.29 9.08
N ILE B 179 7.91 24.09 8.53
CA ILE B 179 7.36 23.85 7.18
C ILE B 179 5.85 24.09 7.16
N SER B 180 5.16 23.79 8.26
CA SER B 180 3.70 23.99 8.34
C SER B 180 3.28 25.46 8.28
N ALA B 181 4.18 26.37 8.68
CA ALA B 181 3.92 27.81 8.60
C ALA B 181 3.89 28.37 7.18
N LEU B 182 4.39 27.61 6.21
CA LEU B 182 4.29 27.96 4.79
C LEU B 182 2.91 27.72 4.19
N LEU B 183 1.99 27.11 4.97
CA LEU B 183 0.71 26.65 4.46
C LEU B 183 -0.44 27.47 5.03
N PRO B 184 -1.62 27.39 4.38
CA PRO B 184 -2.74 28.20 4.80
C PRO B 184 -3.33 27.83 6.15
N SER B 185 -4.32 28.61 6.58
CA SER B 185 -4.88 28.51 7.90
C SER B 185 -5.75 27.28 8.17
N ASP B 186 -6.69 26.97 7.27
CA ASP B 186 -7.70 25.98 7.54
C ASP B 186 -7.38 24.65 6.82
N PHE B 187 -6.88 23.67 7.57
CA PHE B 187 -6.59 22.33 7.00
C PHE B 187 -7.83 21.47 6.71
N SER B 188 -9.03 22.00 6.99
CA SER B 188 -10.30 21.37 6.67
C SER B 188 -10.91 21.72 5.32
N ARG B 189 -10.38 22.75 4.65
CA ARG B 189 -10.96 23.32 3.42
C ARG B 189 -10.01 23.17 2.26
N TYR B 190 -10.28 22.19 1.40
CA TYR B 190 -9.43 21.88 0.29
C TYR B 190 -10.20 21.24 -0.87
N PHE B 191 -9.58 21.28 -2.05
CA PHE B 191 -10.02 20.56 -3.21
C PHE B 191 -9.10 19.35 -3.39
N GLN B 192 -9.60 18.27 -3.99
CA GLN B 192 -8.78 17.09 -4.20
C GLN B 192 -9.18 16.38 -5.48
N TYR B 193 -8.16 15.93 -6.19
CA TYR B 193 -8.31 15.13 -7.39
C TYR B 193 -7.03 14.33 -7.67
N GLU B 194 -7.14 13.39 -8.58
CA GLU B 194 -6.03 12.59 -9.01
C GLU B 194 -5.55 13.02 -10.41
N GLY B 195 -4.24 13.19 -10.54
CA GLY B 195 -3.62 13.61 -11.76
C GLY B 195 -2.17 13.15 -11.84
N SER B 196 -1.28 14.07 -12.20
CA SER B 196 0.06 13.73 -12.61
C SER B 196 1.09 14.68 -12.02
N LEU B 197 2.36 14.32 -12.15
CA LEU B 197 3.43 15.32 -12.02
C LEU B 197 3.25 16.36 -13.13
N THR B 198 3.53 17.62 -12.78
CA THR B 198 3.38 18.73 -13.73
C THR B 198 4.62 18.98 -14.56
N THR B 199 5.64 18.15 -14.40
CA THR B 199 6.79 18.17 -15.27
C THR B 199 7.02 16.73 -15.71
N PRO B 200 7.81 16.54 -16.79
CA PRO B 200 8.26 15.18 -17.13
C PRO B 200 8.90 14.52 -15.89
N PRO B 201 8.68 13.24 -15.68
CA PRO B 201 8.02 12.32 -16.61
C PRO B 201 6.47 12.27 -16.63
N CYS B 202 5.79 13.21 -15.99
CA CYS B 202 4.31 13.34 -16.08
C CYS B 202 3.54 12.08 -15.62
N ALA B 203 4.11 11.37 -14.66
CA ALA B 203 3.53 10.13 -14.18
C ALA B 203 2.18 10.42 -13.55
N GLN B 204 1.22 9.56 -13.85
CA GLN B 204 -0.13 9.65 -13.33
C GLN B 204 -0.28 8.95 -11.95
N GLY B 205 -1.46 9.09 -11.35
CA GLY B 205 -1.73 8.46 -10.05
C GLY B 205 -1.34 9.35 -8.84
N VAL B 206 -1.02 10.61 -9.08
CA VAL B 206 -0.67 11.58 -8.03
C VAL B 206 -1.95 12.19 -7.44
N ILE B 207 -2.13 12.07 -6.12
CA ILE B 207 -3.26 12.74 -5.47
C ILE B 207 -2.87 14.19 -5.18
N TRP B 208 -3.59 15.12 -5.79
CA TRP B 208 -3.41 16.54 -5.56
C TRP B 208 -4.44 17.05 -4.57
N THR B 209 -3.97 17.78 -3.56
CA THR B 209 -4.81 18.45 -2.60
C THR B 209 -4.42 19.93 -2.64
N VAL B 210 -5.39 20.76 -3.01
CA VAL B 210 -5.18 22.18 -3.21
C VAL B 210 -6.01 22.87 -2.16
N PHE B 211 -5.33 23.61 -1.27
CA PHE B 211 -5.97 24.39 -0.25
C PHE B 211 -6.91 25.39 -0.88
N ASN B 212 -8.07 25.56 -0.26
CA ASN B 212 -9.01 26.64 -0.61
C ASN B 212 -8.43 28.02 -0.32
N GLN B 213 -7.91 28.20 0.88
CA GLN B 213 -7.35 29.50 1.28
C GLN B 213 -5.94 29.66 0.80
N THR B 214 -5.55 30.91 0.61
CA THR B 214 -4.22 31.24 0.12
C THR B 214 -3.29 31.68 1.24
N VAL B 215 -2.04 31.86 0.91
CA VAL B 215 -1.10 32.47 1.80
C VAL B 215 -0.64 33.75 1.09
N MET B 216 -0.33 34.77 1.88
CA MET B 216 0.03 36.08 1.35
C MET B 216 1.52 36.37 1.52
N LEU B 217 2.13 36.86 0.44
CA LEU B 217 3.49 37.38 0.43
C LEU B 217 3.43 38.86 0.03
N SER B 218 4.44 39.65 0.41
CA SER B 218 4.50 41.06 -0.02
C SER B 218 4.91 41.14 -1.48
N ALA B 219 4.66 42.27 -2.12
CA ALA B 219 5.07 42.48 -3.52
C ALA B 219 6.58 42.34 -3.69
N LYS B 220 7.36 42.88 -2.74
CA LYS B 220 8.83 42.73 -2.77
C LYS B 220 9.25 41.26 -2.68
N GLN B 221 8.61 40.51 -1.79
CA GLN B 221 8.84 39.04 -1.73
C GLN B 221 8.54 38.31 -3.04
N LEU B 222 7.39 38.59 -3.63
CA LEU B 222 7.05 37.99 -4.92
C LEU B 222 8.02 38.42 -6.02
N HIS B 223 8.45 39.68 -5.98
CA HIS B 223 9.51 40.13 -6.87
C HIS B 223 10.80 39.34 -6.64
N THR B 224 11.21 39.19 -5.38
CA THR B 224 12.40 38.41 -5.07
C THR B 224 12.32 36.98 -5.64
N LEU B 225 11.16 36.34 -5.47
CA LEU B 225 10.96 34.98 -6.00
C LEU B 225 11.17 34.86 -7.50
N SER B 226 10.61 35.78 -8.26
CA SER B 226 10.63 35.67 -9.72
C SER B 226 11.84 36.31 -10.38
N ASP B 227 12.59 37.14 -9.65
CA ASP B 227 13.67 37.92 -10.27
C ASP B 227 15.08 37.59 -9.81
N THR B 228 15.25 36.56 -8.99
CA THR B 228 16.57 36.22 -8.45
C THR B 228 17.25 35.05 -9.14
N LEU B 229 16.49 34.02 -9.53
CA LEU B 229 17.09 32.77 -9.99
C LEU B 229 17.28 32.72 -11.48
N TRP B 230 18.35 32.01 -11.90
CA TRP B 230 18.68 31.83 -13.30
C TRP B 230 18.57 30.35 -13.67
N GLY B 231 18.13 30.10 -14.89
CA GLY B 231 17.84 28.76 -15.38
C GLY B 231 18.76 28.34 -16.51
N PRO B 232 18.31 27.38 -17.36
CA PRO B 232 19.06 26.91 -18.53
C PRO B 232 19.37 28.01 -19.56
N GLY B 233 20.53 27.91 -20.20
CA GLY B 233 21.02 28.97 -21.10
C GLY B 233 21.46 30.18 -20.28
N ASP B 234 21.28 31.37 -20.85
CA ASP B 234 21.51 32.61 -20.11
C ASP B 234 20.15 33.21 -19.80
N SER B 235 19.25 32.38 -19.29
CA SER B 235 17.82 32.73 -19.16
C SER B 235 17.41 32.79 -17.69
N ARG B 236 16.53 33.72 -17.38
CA ARG B 236 15.98 33.83 -16.03
C ARG B 236 15.05 32.65 -15.73
N LEU B 237 15.02 32.24 -14.45
CA LEU B 237 14.13 31.17 -14.01
C LEU B 237 12.79 31.80 -13.63
N GLN B 238 11.89 31.82 -14.61
CA GLN B 238 10.60 32.50 -14.54
C GLN B 238 9.55 31.71 -15.30
N LEU B 239 8.29 31.98 -15.01
CA LEU B 239 7.16 31.38 -15.70
C LEU B 239 7.29 29.84 -15.77
N ASN B 240 7.64 29.24 -14.64
CA ASN B 240 7.95 27.80 -14.56
C ASN B 240 6.71 27.03 -14.14
N PHE B 241 5.67 27.14 -14.95
CA PHE B 241 4.41 26.45 -14.72
C PHE B 241 3.98 25.81 -16.01
N ARG B 242 3.26 24.70 -15.88
CA ARG B 242 2.69 24.01 -17.02
C ARG B 242 1.31 24.60 -17.32
N ALA B 243 0.93 24.60 -18.58
CA ALA B 243 -0.44 24.93 -19.00
C ALA B 243 -1.47 23.99 -18.37
N THR B 244 -2.66 24.54 -18.13
CA THR B 244 -3.85 23.85 -17.65
C THR B 244 -4.18 22.65 -18.52
N GLN B 245 -4.51 21.52 -17.90
CA GLN B 245 -4.83 20.28 -18.56
C GLN B 245 -6.32 20.00 -18.38
N PRO B 246 -6.94 19.30 -19.36
CA PRO B 246 -8.35 18.93 -19.24
C PRO B 246 -8.62 17.86 -18.18
N LEU B 247 -9.73 18.03 -17.46
CA LEU B 247 -10.15 17.05 -16.48
C LEU B 247 -10.51 15.71 -17.08
N ASN B 248 -10.99 15.69 -18.33
CA ASN B 248 -11.34 14.44 -19.00
C ASN B 248 -12.28 13.56 -18.20
N GLY B 249 -13.30 14.17 -17.61
CA GLY B 249 -14.27 13.45 -16.87
C GLY B 249 -13.99 13.26 -15.38
N ARG B 250 -12.76 13.56 -14.94
CA ARG B 250 -12.46 13.65 -13.52
C ARG B 250 -13.30 14.76 -12.86
N VAL B 251 -13.83 14.48 -11.67
CA VAL B 251 -14.59 15.46 -10.94
C VAL B 251 -13.75 15.83 -9.73
N ILE B 252 -13.47 17.11 -9.56
CA ILE B 252 -12.70 17.60 -8.42
C ILE B 252 -13.59 17.52 -7.18
N GLU B 253 -13.08 16.98 -6.08
CA GLU B 253 -13.83 16.95 -4.84
C GLU B 253 -13.45 18.15 -3.97
N ALA B 254 -14.38 18.51 -3.10
CA ALA B 254 -14.22 19.60 -2.15
C ALA B 254 -14.61 19.08 -0.79
N SER B 255 -13.84 19.49 0.21
CA SER B 255 -14.04 19.06 1.58
C SER B 255 -15.08 19.91 2.34
N PHE B 256 -15.70 20.87 1.67
CA PHE B 256 -16.58 21.81 2.32
C PHE B 256 -17.76 22.07 1.38
N PRO B 257 -18.94 22.37 1.94
CA PRO B 257 -20.14 22.58 1.14
C PRO B 257 -20.12 23.87 0.36
N TRP C 7 9.44 -0.60 45.60
CA TRP C 7 7.96 -0.43 45.72
C TRP C 7 7.21 -1.60 45.10
N ARG C 8 5.99 -1.82 45.59
CA ARG C 8 5.16 -2.96 45.18
C ARG C 8 3.70 -2.53 45.16
N TYR C 9 2.88 -3.31 44.46
CA TYR C 9 1.42 -3.20 44.59
C TYR C 9 0.92 -4.03 45.78
N GLY C 10 -0.11 -3.53 46.47
CA GLY C 10 -0.74 -4.25 47.59
C GLY C 10 0.17 -4.60 48.76
N GLY C 11 0.78 -3.59 49.37
CA GLY C 11 1.66 -3.79 50.51
C GLY C 11 2.87 -2.88 50.53
N ASP C 12 3.45 -2.78 51.71
CA ASP C 12 4.60 -1.90 52.00
C ASP C 12 5.81 -2.19 51.10
N PRO C 13 6.73 -1.22 50.94
CA PRO C 13 6.72 0.11 51.61
C PRO C 13 5.64 1.09 51.10
N PRO C 14 5.10 1.96 51.99
CA PRO C 14 4.13 2.91 51.46
C PRO C 14 4.80 3.85 50.45
N TRP C 15 4.06 4.22 49.42
CA TRP C 15 4.67 4.85 48.25
C TRP C 15 5.33 6.21 48.56
N PRO C 16 4.70 7.05 49.40
CA PRO C 16 5.37 8.32 49.74
C PRO C 16 6.70 8.17 50.48
N ARG C 17 6.95 7.01 51.11
CA ARG C 17 8.25 6.68 51.70
C ARG C 17 9.30 6.40 50.62
N VAL C 18 8.90 5.71 49.56
CA VAL C 18 9.76 5.48 48.39
C VAL C 18 9.98 6.78 47.62
N SER C 19 8.87 7.46 47.28
CA SER C 19 8.84 8.68 46.50
C SER C 19 7.87 9.67 47.16
N PRO C 20 8.41 10.68 47.88
CA PRO C 20 7.58 11.73 48.43
C PRO C 20 6.63 12.43 47.46
N ALA C 21 7.04 12.50 46.18
CA ALA C 21 6.17 13.06 45.12
C ALA C 21 4.82 12.37 45.02
N CYS C 22 4.78 11.10 45.44
CA CYS C 22 3.54 10.32 45.44
C CYS C 22 2.48 10.91 46.37
N ALA C 23 2.88 11.80 47.30
CA ALA C 23 1.94 12.58 48.10
C ALA C 23 1.70 13.98 47.56
N GLY C 24 2.01 14.24 46.29
CA GLY C 24 1.64 15.51 45.66
C GLY C 24 0.14 15.70 45.58
N ARG C 25 -0.30 16.93 45.35
CA ARG C 25 -1.72 17.29 45.32
C ARG C 25 -2.45 16.96 44.00
N PHE C 26 -1.72 16.59 42.96
CA PHE C 26 -2.27 16.43 41.61
C PHE C 26 -1.84 15.10 40.99
N GLN C 27 -2.31 14.03 41.61
CA GLN C 27 -1.94 12.69 41.24
C GLN C 27 -2.98 12.00 40.35
N SER C 28 -2.57 10.86 39.82
CA SER C 28 -3.39 10.00 39.00
C SER C 28 -3.27 8.60 39.55
N PRO C 29 -4.23 7.70 39.27
CA PRO C 29 -5.42 7.96 38.48
C PRO C 29 -6.49 8.67 39.30
N VAL C 30 -7.61 8.96 38.66
CA VAL C 30 -8.73 9.65 39.27
C VAL C 30 -10.04 8.97 38.88
N ASP C 31 -11.07 9.28 39.66
CA ASP C 31 -12.43 8.83 39.35
C ASP C 31 -13.06 9.87 38.46
N ILE C 32 -13.49 9.45 37.28
CA ILE C 32 -14.11 10.36 36.31
C ILE C 32 -15.60 10.31 36.53
N ARG C 33 -16.19 11.46 36.81
CA ARG C 33 -17.63 11.61 36.92
C ARG C 33 -18.11 12.48 35.77
N PRO C 34 -18.60 11.85 34.67
CA PRO C 34 -18.91 12.58 33.44
C PRO C 34 -19.83 13.78 33.60
N GLN C 35 -20.75 13.72 34.56
CA GLN C 35 -21.69 14.83 34.82
C GLN C 35 -21.03 16.08 35.39
N LEU C 36 -19.89 15.93 36.07
CA LEU C 36 -19.11 17.07 36.56
C LEU C 36 -17.95 17.46 35.64
N ALA C 37 -17.74 16.72 34.55
CA ALA C 37 -16.72 17.09 33.57
C ALA C 37 -17.17 18.33 32.82
N ALA C 38 -16.22 19.17 32.43
CA ALA C 38 -16.49 20.41 31.76
C ALA C 38 -16.37 20.20 30.25
N PHE C 39 -17.47 20.43 29.51
CA PHE C 39 -17.45 20.35 28.07
C PHE C 39 -16.58 21.48 27.57
N SER C 40 -15.54 21.11 26.83
CA SER C 40 -14.52 22.03 26.39
C SER C 40 -14.36 21.86 24.88
N PRO C 41 -15.15 22.63 24.10
CA PRO C 41 -15.17 22.41 22.66
C PRO C 41 -13.87 22.69 21.93
N ALA C 42 -12.92 23.35 22.57
CA ALA C 42 -11.59 23.53 22.00
C ALA C 42 -10.83 22.21 21.80
N LEU C 43 -11.21 21.17 22.53
CA LEU C 43 -10.55 19.88 22.46
C LEU C 43 -10.78 19.21 21.11
N ARG C 44 -9.69 19.02 20.36
CA ARG C 44 -9.75 18.57 18.96
C ARG C 44 -9.63 17.07 18.91
N PRO C 45 -10.03 16.44 17.79
CA PRO C 45 -9.74 15.02 17.63
C PRO C 45 -8.25 14.71 17.73
N LEU C 46 -7.91 13.67 18.48
CA LEU C 46 -6.53 13.21 18.59
C LEU C 46 -5.99 12.84 17.21
N GLU C 47 -4.74 13.17 16.93
CA GLU C 47 -4.07 12.76 15.69
C GLU C 47 -2.90 11.82 16.01
N LEU C 48 -2.95 10.62 15.47
CA LEU C 48 -1.95 9.58 15.69
C LEU C 48 -1.45 9.07 14.33
N LEU C 49 -0.23 9.44 13.97
CA LEU C 49 0.38 9.02 12.70
C LEU C 49 1.61 8.16 12.95
N GLY C 50 1.88 7.23 12.04
CA GLY C 50 3.05 6.34 12.13
C GLY C 50 2.83 5.12 13.02
N PHE C 51 1.57 4.88 13.45
CA PHE C 51 1.25 3.84 14.42
C PHE C 51 1.06 2.48 13.74
N GLN C 52 0.93 2.46 12.42
CA GLN C 52 0.67 1.23 11.68
C GLN C 52 1.99 0.55 11.32
N LEU C 53 2.59 -0.15 12.26
CA LEU C 53 3.96 -0.64 12.05
C LEU C 53 3.99 -1.90 11.19
N PRO C 54 5.01 -2.03 10.33
CA PRO C 54 5.17 -3.25 9.55
C PRO C 54 5.67 -4.42 10.43
N PRO C 55 5.64 -5.66 9.91
CA PRO C 55 6.04 -6.84 10.70
C PRO C 55 7.49 -6.80 11.22
N LEU C 56 8.40 -6.14 10.49
CA LEU C 56 9.79 -5.95 10.93
C LEU C 56 10.15 -4.48 10.87
N PRO C 57 10.98 -3.97 11.78
CA PRO C 57 11.66 -4.74 12.83
C PRO C 57 10.73 -5.16 13.95
N GLU C 58 11.17 -6.16 14.71
CA GLU C 58 10.44 -6.64 15.88
C GLU C 58 10.49 -5.65 17.03
N LEU C 59 9.59 -5.84 17.98
CA LEU C 59 9.48 -4.96 19.14
C LEU C 59 9.73 -5.76 20.44
N ARG C 60 10.42 -5.12 21.38
CA ARG C 60 10.67 -5.68 22.71
C ARG C 60 9.39 -5.69 23.55
N LEU C 61 9.04 -6.86 24.06
CA LEU C 61 7.94 -7.01 25.01
C LEU C 61 8.54 -7.59 26.30
N ARG C 62 8.32 -6.90 27.42
CA ARG C 62 9.03 -7.20 28.67
C ARG C 62 8.08 -7.32 29.83
N ASN C 63 8.27 -8.37 30.65
CA ASN C 63 7.63 -8.48 31.97
C ASN C 63 8.60 -7.79 32.89
N ASN C 64 8.21 -6.62 33.40
CA ASN C 64 9.11 -5.87 34.31
C ASN C 64 8.72 -6.03 35.76
N GLY C 65 7.87 -7.01 36.06
CA GLY C 65 7.40 -7.23 37.42
C GLY C 65 6.24 -6.37 37.88
N HIS C 66 6.02 -5.21 37.24
CA HIS C 66 4.86 -4.34 37.52
C HIS C 66 3.79 -4.30 36.43
N SER C 67 4.17 -4.60 35.19
CA SER C 67 3.25 -4.70 34.05
C SER C 67 3.94 -5.47 32.94
N VAL C 68 3.27 -5.58 31.80
CA VAL C 68 3.91 -5.98 30.56
C VAL C 68 4.06 -4.73 29.72
N GLN C 69 5.26 -4.52 29.19
CA GLN C 69 5.56 -3.26 28.50
C GLN C 69 6.14 -3.52 27.13
N LEU C 70 5.56 -2.85 26.13
CA LEU C 70 5.98 -2.92 24.74
C LEU C 70 6.76 -1.67 24.41
N THR C 71 8.02 -1.84 24.02
CA THR C 71 8.83 -0.71 23.57
C THR C 71 8.44 -0.28 22.13
N LEU C 72 8.13 1.00 21.95
CA LEU C 72 7.69 1.51 20.63
C LEU C 72 8.86 2.15 19.91
N PRO C 73 8.93 2.02 18.57
CA PRO C 73 10.05 2.57 17.83
C PRO C 73 9.88 4.08 17.61
N PRO C 74 10.91 4.75 17.07
CA PRO C 74 10.73 6.15 16.66
C PRO C 74 9.67 6.31 15.55
N GLY C 75 9.06 7.49 15.50
CA GLY C 75 8.16 7.85 14.40
C GLY C 75 6.67 7.70 14.66
N LEU C 76 6.27 7.36 15.90
CA LEU C 76 4.85 7.33 16.25
C LEU C 76 4.51 8.72 16.76
N GLU C 77 3.92 9.53 15.88
CA GLU C 77 3.69 10.93 16.19
C GLU C 77 2.22 11.15 16.60
N MET C 78 2.03 11.98 17.62
CA MET C 78 0.73 12.21 18.21
C MET C 78 0.57 13.70 18.50
N ALA C 79 -0.63 14.23 18.27
CA ALA C 79 -0.90 15.63 18.54
C ALA C 79 -2.14 15.75 19.41
N LEU C 80 -2.01 16.49 20.52
CA LEU C 80 -3.13 16.83 21.39
C LEU C 80 -3.88 18.07 20.92
N GLY C 81 -3.24 18.84 20.05
CA GLY C 81 -3.77 20.08 19.56
C GLY C 81 -2.80 20.65 18.56
N PRO C 82 -3.16 21.77 17.91
CA PRO C 82 -2.34 22.33 16.85
C PRO C 82 -0.92 22.67 17.32
N GLY C 83 0.08 22.01 16.75
CA GLY C 83 1.46 22.22 17.19
C GLY C 83 1.89 21.59 18.51
N ARG C 84 0.97 20.91 19.21
CA ARG C 84 1.21 20.35 20.54
C ARG C 84 1.47 18.85 20.34
N GLU C 85 2.72 18.54 20.03
CA GLU C 85 3.08 17.23 19.48
C GLU C 85 3.96 16.39 20.38
N TYR C 86 3.79 15.10 20.22
CA TYR C 86 4.34 14.06 21.07
C TYR C 86 4.85 12.92 20.21
N ARG C 87 5.75 12.11 20.77
CA ARG C 87 6.16 10.83 20.19
C ARG C 87 5.95 9.71 21.20
N ALA C 88 5.40 8.59 20.74
CA ALA C 88 5.09 7.47 21.61
C ALA C 88 6.37 6.72 21.99
N LEU C 89 6.51 6.41 23.28
CA LEU C 89 7.68 5.68 23.79
C LEU C 89 7.42 4.21 24.04
N GLN C 90 6.28 3.92 24.63
CA GLN C 90 5.97 2.57 25.09
C GLN C 90 4.50 2.47 25.43
N LEU C 91 4.00 1.25 25.51
CA LEU C 91 2.71 1.00 26.09
C LEU C 91 2.76 -0.14 27.08
N HIS C 92 1.81 -0.16 28.00
CA HIS C 92 1.73 -1.22 29.00
C HIS C 92 0.31 -1.27 29.51
N LEU C 93 0.03 -2.28 30.33
CA LEU C 93 -1.32 -2.55 30.78
C LEU C 93 -1.43 -2.62 32.30
N HIS C 94 -2.65 -2.37 32.78
CA HIS C 94 -3.04 -2.53 34.16
C HIS C 94 -4.26 -3.43 34.25
N TRP C 95 -4.25 -4.36 35.20
CA TRP C 95 -5.28 -5.39 35.26
C TRP C 95 -5.52 -5.98 36.66
N GLY C 96 -6.53 -6.85 36.78
CA GLY C 96 -7.00 -7.31 38.07
C GLY C 96 -6.61 -8.75 38.38
N ALA C 97 -7.61 -9.57 38.68
CA ALA C 97 -7.43 -11.02 38.91
C ALA C 97 -8.80 -11.68 38.71
N ALA C 98 -8.84 -13.01 38.85
CA ALA C 98 -10.07 -13.76 38.52
C ALA C 98 -11.24 -13.13 39.26
N GLY C 99 -12.25 -12.68 38.51
CA GLY C 99 -13.43 -12.06 39.06
C GLY C 99 -13.25 -10.69 39.72
N ARG C 100 -12.15 -10.00 39.42
CA ARG C 100 -11.89 -8.67 40.01
C ARG C 100 -11.30 -7.71 38.97
N PRO C 101 -11.94 -6.55 38.75
CA PRO C 101 -11.45 -5.60 37.75
C PRO C 101 -10.16 -4.86 38.21
N GLY C 102 -9.37 -4.37 37.27
CA GLY C 102 -8.11 -3.73 37.61
C GLY C 102 -7.71 -2.55 36.74
N SER C 103 -8.69 -1.84 36.19
CA SER C 103 -8.41 -0.55 35.56
C SER C 103 -7.89 0.44 36.61
N GLU C 104 -7.14 1.44 36.18
CA GLU C 104 -6.65 2.52 37.07
C GLU C 104 -7.68 3.62 37.25
N HIS C 105 -8.07 4.23 36.14
CA HIS C 105 -9.16 5.19 36.19
C HIS C 105 -10.47 4.44 36.43
N THR C 106 -11.44 5.15 36.99
CA THR C 106 -12.76 4.61 37.24
C THR C 106 -13.73 5.65 36.71
N VAL C 107 -14.95 5.21 36.40
CA VAL C 107 -15.98 6.11 35.92
C VAL C 107 -17.19 5.96 36.82
N GLU C 108 -17.58 7.06 37.46
CA GLU C 108 -18.59 7.08 38.52
C GLU C 108 -18.41 5.92 39.48
N GLY C 109 -17.17 5.64 39.87
CA GLY C 109 -16.87 4.54 40.78
C GLY C 109 -16.65 3.16 40.16
N HIS C 110 -17.11 2.95 38.93
CA HIS C 110 -16.94 1.66 38.26
C HIS C 110 -15.50 1.45 37.78
N ARG C 111 -14.93 0.32 38.16
CA ARG C 111 -13.63 -0.12 37.73
C ARG C 111 -13.84 -1.15 36.62
N PHE C 112 -13.07 -0.96 35.55
CA PHE C 112 -13.16 -1.79 34.37
C PHE C 112 -12.19 -2.94 34.50
N PRO C 113 -12.41 -4.01 33.72
CA PRO C 113 -11.50 -5.16 33.81
C PRO C 113 -10.02 -4.82 33.63
N ALA C 114 -9.68 -3.97 32.66
CA ALA C 114 -8.26 -3.59 32.44
C ALA C 114 -8.12 -2.20 31.82
N GLU C 115 -6.87 -1.76 31.65
CA GLU C 115 -6.57 -0.43 31.10
C GLU C 115 -5.24 -0.47 30.35
N ILE C 116 -5.23 0.15 29.18
CA ILE C 116 -4.03 0.31 28.39
C ILE C 116 -3.53 1.74 28.48
N HIS C 117 -2.22 1.89 28.58
CA HIS C 117 -1.56 3.19 28.62
C HIS C 117 -0.51 3.26 27.54
N VAL C 118 -0.59 4.31 26.74
CA VAL C 118 0.38 4.57 25.69
C VAL C 118 1.07 5.88 26.07
N VAL C 119 2.35 5.79 26.39
CA VAL C 119 3.09 6.87 27.02
C VAL C 119 3.90 7.60 25.95
N HIS C 120 3.77 8.93 25.92
CA HIS C 120 4.41 9.78 24.94
C HIS C 120 5.23 10.89 25.58
N LEU C 121 6.23 11.35 24.82
CA LEU C 121 7.14 12.41 25.20
C LEU C 121 6.88 13.61 24.31
N SER C 122 6.69 14.78 24.91
CA SER C 122 6.62 16.02 24.13
C SER C 122 7.89 16.22 23.28
N THR C 123 7.67 16.61 22.02
CA THR C 123 8.78 16.90 21.10
C THR C 123 9.57 18.14 21.50
N ALA C 124 9.06 18.96 22.43
CA ALA C 124 9.88 20.02 23.04
C ALA C 124 11.01 19.50 23.94
N PHE C 125 11.01 18.23 24.32
CA PHE C 125 12.05 17.70 25.19
C PHE C 125 12.79 16.56 24.49
N ALA C 126 14.12 16.57 24.53
CA ALA C 126 14.90 15.49 23.90
C ALA C 126 14.83 14.16 24.66
N ARG C 127 14.62 14.21 25.97
CA ARG C 127 14.67 13.02 26.80
C ARG C 127 13.52 12.99 27.81
N VAL C 128 13.08 11.80 28.15
CA VAL C 128 12.02 11.62 29.14
C VAL C 128 12.38 12.30 30.48
N ASP C 129 13.65 12.19 30.91
CA ASP C 129 14.01 12.73 32.24
C ASP C 129 13.90 14.27 32.35
N GLU C 130 14.14 14.97 31.26
CA GLU C 130 13.85 16.39 31.18
C GLU C 130 12.36 16.75 31.27
N ALA C 131 11.52 15.87 30.77
CA ALA C 131 10.08 16.09 30.74
C ALA C 131 9.40 15.83 32.09
N LEU C 132 10.00 14.97 32.92
CA LEU C 132 9.41 14.58 34.20
C LEU C 132 9.24 15.80 35.06
N GLY C 133 8.02 16.01 35.54
CA GLY C 133 7.70 17.17 36.35
C GLY C 133 7.34 18.43 35.60
N ARG C 134 7.57 18.45 34.28
CA ARG C 134 7.29 19.65 33.49
C ARG C 134 5.86 19.56 32.93
N PRO C 135 5.10 20.66 32.95
CA PRO C 135 3.71 20.60 32.48
C PRO C 135 3.61 20.22 30.99
N GLY C 136 2.91 19.13 30.71
CA GLY C 136 2.76 18.64 29.35
C GLY C 136 4.00 17.94 28.81
N GLY C 137 4.98 17.67 29.66
CA GLY C 137 6.19 17.01 29.23
C GLY C 137 5.90 15.59 28.74
N LEU C 138 5.05 14.89 29.50
CA LEU C 138 4.55 13.58 29.14
C LEU C 138 3.05 13.64 28.94
N ALA C 139 2.56 12.79 28.04
CA ALA C 139 1.15 12.64 27.77
C ALA C 139 0.83 11.16 27.62
N VAL C 140 -0.20 10.70 28.31
CA VAL C 140 -0.58 9.30 28.28
C VAL C 140 -1.97 9.21 27.68
N LEU C 141 -2.11 8.32 26.70
CA LEU C 141 -3.42 7.96 26.18
C LEU C 141 -3.83 6.71 26.90
N ALA C 142 -5.02 6.78 27.50
CA ALA C 142 -5.58 5.68 28.28
C ALA C 142 -6.90 5.21 27.68
N ALA C 143 -7.07 3.89 27.60
CA ALA C 143 -8.35 3.28 27.21
C ALA C 143 -8.72 2.13 28.14
N PHE C 144 -9.99 2.03 28.46
CA PHE C 144 -10.52 0.89 29.23
C PHE C 144 -10.70 -0.34 28.36
N LEU C 145 -10.40 -1.51 28.94
CA LEU C 145 -10.64 -2.79 28.29
C LEU C 145 -11.78 -3.47 29.06
N GLU C 146 -12.82 -3.86 28.31
CA GLU C 146 -14.04 -4.51 28.83
C GLU C 146 -14.16 -5.88 28.20
N GLU C 147 -15.02 -6.71 28.79
CA GLU C 147 -15.29 -8.02 28.24
C GLU C 147 -16.32 -7.90 27.12
N GLY C 148 -16.02 -8.51 25.98
CA GLY C 148 -16.97 -8.66 24.88
C GLY C 148 -17.02 -10.10 24.35
N PRO C 149 -17.96 -10.39 23.46
CA PRO C 149 -18.11 -11.78 22.97
C PRO C 149 -17.05 -12.28 22.00
N GLU C 150 -16.31 -11.38 21.34
CA GLU C 150 -15.34 -11.79 20.32
C GLU C 150 -13.93 -11.69 20.83
N GLU C 151 -13.07 -12.56 20.28
CA GLU C 151 -11.65 -12.45 20.47
C GLU C 151 -11.17 -11.17 19.76
N ASN C 152 -10.43 -10.34 20.50
CA ASN C 152 -9.83 -9.14 19.94
C ASN C 152 -8.56 -9.50 19.22
N SER C 153 -8.52 -9.21 17.93
CA SER C 153 -7.40 -9.67 17.12
C SER C 153 -6.10 -8.84 17.39
N ALA C 154 -6.24 -7.53 17.61
CA ALA C 154 -5.07 -6.70 17.94
C ALA C 154 -4.42 -7.11 19.28
N TYR C 155 -5.23 -7.30 20.30
CA TYR C 155 -4.71 -7.69 21.62
C TYR C 155 -4.15 -9.10 21.62
N GLU C 156 -4.70 -9.97 20.76
CA GLU C 156 -4.19 -11.34 20.63
C GLU C 156 -2.70 -11.39 20.32
N GLN C 157 -2.21 -10.45 19.52
CA GLN C 157 -0.77 -10.37 19.23
C GLN C 157 0.14 -10.22 20.47
N LEU C 158 -0.39 -9.60 21.52
CA LEU C 158 0.36 -9.38 22.75
C LEU C 158 0.05 -10.48 23.75
N LEU C 159 -1.22 -10.81 23.89
CA LEU C 159 -1.66 -11.80 24.89
C LEU C 159 -1.12 -13.20 24.62
N SER C 160 -1.00 -13.55 23.34
CA SER C 160 -0.45 -14.83 22.94
C SER C 160 1.05 -14.97 23.25
N ARG C 161 1.74 -13.87 23.55
CA ARG C 161 3.17 -13.90 23.86
C ARG C 161 3.48 -13.80 25.35
N LEU C 162 2.46 -13.76 26.21
CA LEU C 162 2.71 -13.60 27.64
C LEU C 162 3.36 -14.86 28.27
N GLU C 163 2.98 -16.04 27.79
CA GLU C 163 3.61 -17.30 28.25
C GLU C 163 5.13 -17.29 28.10
N GLU C 164 5.63 -16.73 27.01
CA GLU C 164 7.08 -16.59 26.83
C GLU C 164 7.81 -15.75 27.87
N ILE C 165 7.09 -14.86 28.56
CA ILE C 165 7.71 -13.90 29.45
C ILE C 165 7.06 -13.97 30.83
N ALA C 166 6.57 -15.16 31.19
CA ALA C 166 5.83 -15.33 32.46
C ALA C 166 6.63 -14.92 33.70
N GLU C 167 7.94 -15.20 33.68
CA GLU C 167 8.81 -14.91 34.82
C GLU C 167 9.19 -13.42 34.86
N GLU C 168 9.15 -12.86 36.06
CA GLU C 168 9.57 -11.48 36.28
C GLU C 168 10.93 -11.24 35.66
N GLY C 169 11.07 -10.07 35.01
CA GLY C 169 12.30 -9.68 34.35
C GLY C 169 12.58 -10.28 32.98
N SER C 170 11.75 -11.22 32.50
CA SER C 170 12.01 -11.84 31.19
C SER C 170 11.41 -10.97 30.06
N GLU C 171 11.95 -11.15 28.86
CA GLU C 171 11.51 -10.41 27.70
C GLU C 171 11.54 -11.25 26.42
N THR C 172 10.82 -10.78 25.41
CA THR C 172 10.81 -11.42 24.10
C THR C 172 10.64 -10.36 23.01
N GLN C 173 11.03 -10.72 21.78
CA GLN C 173 10.82 -9.88 20.62
C GLN C 173 9.54 -10.36 19.93
N VAL C 174 8.64 -9.44 19.63
CA VAL C 174 7.39 -9.74 18.93
C VAL C 174 7.36 -9.05 17.56
N PRO C 175 6.60 -9.61 16.59
CA PRO C 175 6.51 -8.92 15.31
C PRO C 175 5.85 -7.54 15.44
N GLY C 176 6.16 -6.64 14.51
CA GLY C 176 5.47 -5.36 14.42
C GLY C 176 3.97 -5.54 14.31
N LEU C 177 3.23 -4.60 14.88
CA LEU C 177 1.77 -4.60 14.82
C LEU C 177 1.24 -3.16 14.70
N ASP C 178 -0.02 -3.06 14.31
CA ASP C 178 -0.68 -1.77 14.23
C ASP C 178 -1.08 -1.34 15.63
N ILE C 179 -0.33 -0.40 16.18
CA ILE C 179 -0.53 0.05 17.55
C ILE C 179 -1.87 0.79 17.66
N SER C 180 -2.27 1.51 16.62
CA SER C 180 -3.56 2.21 16.62
C SER C 180 -4.76 1.27 16.73
N ALA C 181 -4.60 0.01 16.33
CA ALA C 181 -5.69 -0.97 16.42
C ALA C 181 -6.03 -1.37 17.86
N LEU C 182 -5.12 -1.09 18.80
CA LEU C 182 -5.35 -1.31 20.22
C LEU C 182 -6.25 -0.28 20.86
N LEU C 183 -6.62 0.76 20.12
CA LEU C 183 -7.34 1.89 20.67
C LEU C 183 -8.81 1.96 20.19
N PRO C 184 -9.67 2.67 20.95
CA PRO C 184 -11.09 2.77 20.62
C PRO C 184 -11.40 3.40 19.26
N SER C 185 -12.67 3.39 18.93
CA SER C 185 -13.11 3.79 17.62
C SER C 185 -13.01 5.30 17.35
N ASP C 186 -13.40 6.12 18.31
CA ASP C 186 -13.68 7.52 18.05
C ASP C 186 -12.65 8.38 18.79
N PHE C 187 -11.73 8.94 18.01
CA PHE C 187 -10.63 9.77 18.52
C PHE C 187 -11.05 11.21 18.89
N SER C 188 -12.31 11.57 18.61
CA SER C 188 -12.86 12.86 19.00
C SER C 188 -13.50 12.86 20.39
N ARG C 189 -13.62 11.69 21.06
CA ARG C 189 -14.40 11.54 22.31
C ARG C 189 -13.54 11.08 23.47
N TYR C 190 -13.15 12.03 24.32
CA TYR C 190 -12.25 11.71 25.43
C TYR C 190 -12.40 12.66 26.62
N PHE C 191 -11.86 12.21 27.74
CA PHE C 191 -11.67 13.01 28.94
C PHE C 191 -10.20 13.44 28.99
N GLN C 192 -9.95 14.61 29.56
CA GLN C 192 -8.60 15.12 29.71
C GLN C 192 -8.41 15.90 31.03
N TYR C 193 -7.28 15.66 31.68
CA TYR C 193 -6.87 16.42 32.88
C TYR C 193 -5.36 16.26 33.05
N GLU C 194 -4.78 17.03 33.96
CA GLU C 194 -3.36 16.95 34.24
C GLU C 194 -3.17 16.27 35.58
N GLY C 195 -2.27 15.29 35.62
CA GLY C 195 -2.01 14.54 36.84
C GLY C 195 -0.59 14.04 36.84
N SER C 196 -0.41 12.77 37.17
CA SER C 196 0.90 12.20 37.48
C SER C 196 1.13 10.83 36.86
N LEU C 197 2.36 10.37 36.93
CA LEU C 197 2.65 8.95 36.80
C LEU C 197 1.89 8.22 37.94
N THR C 198 1.39 7.02 37.63
CA THR C 198 0.58 6.25 38.58
C THR C 198 1.40 5.22 39.34
N THR C 199 2.71 5.20 39.09
CA THR C 199 3.68 4.49 39.93
C THR C 199 4.75 5.50 40.36
N PRO C 200 5.59 5.12 41.34
CA PRO C 200 6.76 5.95 41.60
C PRO C 200 7.61 6.08 40.33
N PRO C 201 8.22 7.23 40.07
CA PRO C 201 8.35 8.35 41.03
C PRO C 201 7.16 9.33 41.10
N CYS C 202 6.00 8.99 40.53
CA CYS C 202 4.78 9.81 40.67
C CYS C 202 4.94 11.27 40.20
N ALA C 203 5.77 11.49 39.18
CA ALA C 203 6.02 12.85 38.66
C ALA C 203 4.72 13.47 38.16
N GLN C 204 4.50 14.75 38.47
CA GLN C 204 3.31 15.49 38.06
C GLN C 204 3.56 16.17 36.70
N GLY C 205 2.56 16.88 36.18
CA GLY C 205 2.67 17.53 34.88
C GLY C 205 2.20 16.65 33.72
N VAL C 206 1.74 15.43 34.02
CA VAL C 206 1.40 14.46 32.98
C VAL C 206 0.00 14.79 32.44
N ILE C 207 -0.14 14.98 31.12
CA ILE C 207 -1.46 15.18 30.54
C ILE C 207 -2.07 13.81 30.28
N TRP C 208 -3.17 13.53 30.96
CA TRP C 208 -3.92 12.27 30.82
C TRP C 208 -5.11 12.47 29.90
N THR C 209 -5.20 11.65 28.86
CA THR C 209 -6.32 11.66 27.93
C THR C 209 -6.94 10.26 28.00
N VAL C 210 -8.18 10.18 28.47
CA VAL C 210 -8.88 8.92 28.65
C VAL C 210 -10.02 8.84 27.65
N PHE C 211 -9.97 7.84 26.77
CA PHE C 211 -11.01 7.68 25.76
C PHE C 211 -12.36 7.42 26.42
N ASN C 212 -13.43 8.01 25.89
CA ASN C 212 -14.79 7.74 26.34
C ASN C 212 -15.17 6.28 26.04
N GLN C 213 -14.89 5.86 24.81
CA GLN C 213 -15.22 4.49 24.37
C GLN C 213 -14.18 3.48 24.79
N THR C 214 -14.65 2.27 25.02
CA THR C 214 -13.80 1.18 25.44
C THR C 214 -13.41 0.27 24.28
N VAL C 215 -12.51 -0.65 24.59
CA VAL C 215 -12.11 -1.71 23.68
C VAL C 215 -12.58 -3.02 24.32
N MET C 216 -12.95 -4.01 23.50
CA MET C 216 -13.49 -5.27 24.00
C MET C 216 -12.52 -6.41 23.78
N LEU C 217 -12.24 -7.14 24.85
CA LEU C 217 -11.50 -8.40 24.80
C LEU C 217 -12.43 -9.54 25.22
N SER C 218 -12.13 -10.74 24.77
CA SER C 218 -12.91 -11.93 25.21
C SER C 218 -12.61 -12.23 26.67
N ALA C 219 -13.47 -13.04 27.28
CA ALA C 219 -13.25 -13.50 28.64
C ALA C 219 -11.95 -14.29 28.73
N LYS C 220 -11.66 -15.14 27.74
CA LYS C 220 -10.41 -15.90 27.71
C LYS C 220 -9.19 -14.95 27.68
N GLN C 221 -9.31 -13.90 26.88
CA GLN C 221 -8.21 -12.92 26.74
C GLN C 221 -7.90 -12.20 28.04
N LEU C 222 -8.94 -11.75 28.72
CA LEU C 222 -8.78 -11.09 30.02
C LEU C 222 -8.18 -12.04 31.06
N HIS C 223 -8.62 -13.30 31.02
CA HIS C 223 -8.05 -14.32 31.88
C HIS C 223 -6.56 -14.50 31.59
N THR C 224 -6.20 -14.62 30.30
CA THR C 224 -4.81 -14.74 29.90
C THR C 224 -3.95 -13.59 30.41
N LEU C 225 -4.53 -12.38 30.38
CA LEU C 225 -3.81 -11.17 30.80
C LEU C 225 -3.50 -11.20 32.30
N SER C 226 -4.50 -11.55 33.09
CA SER C 226 -4.40 -11.52 34.55
C SER C 226 -3.78 -12.78 35.19
N ASP C 227 -3.72 -13.88 34.44
CA ASP C 227 -3.37 -15.21 34.98
C ASP C 227 -2.02 -15.77 34.50
N THR C 228 -1.32 -15.08 33.60
CA THR C 228 -0.11 -15.64 32.97
C THR C 228 1.22 -15.15 33.58
N LEU C 229 1.27 -13.91 34.06
CA LEU C 229 2.54 -13.29 34.42
C LEU C 229 2.79 -13.38 35.92
N TRP C 230 4.08 -13.51 36.26
CA TRP C 230 4.53 -13.55 37.65
C TRP C 230 5.40 -12.32 37.95
N GLY C 231 5.27 -11.82 39.18
CA GLY C 231 5.85 -10.55 39.61
C GLY C 231 6.84 -10.71 40.75
N PRO C 232 6.98 -9.68 41.62
CA PRO C 232 7.97 -9.68 42.70
C PRO C 232 7.85 -10.88 43.62
N GLY C 233 8.99 -11.53 43.90
CA GLY C 233 9.02 -12.68 44.79
C GLY C 233 8.40 -13.88 44.11
N ASP C 234 7.62 -14.65 44.86
CA ASP C 234 6.95 -15.84 44.34
C ASP C 234 5.47 -15.53 44.17
N SER C 235 5.18 -14.43 43.48
CA SER C 235 3.84 -13.84 43.45
C SER C 235 3.31 -13.64 42.02
N ARG C 236 2.00 -13.79 41.83
CA ARG C 236 1.39 -13.50 40.53
C ARG C 236 1.38 -11.99 40.28
N LEU C 237 1.57 -11.61 39.02
CA LEU C 237 1.53 -10.21 38.62
C LEU C 237 0.07 -9.93 38.30
N GLN C 238 -0.62 -9.41 39.32
CA GLN C 238 -2.07 -9.16 39.30
C GLN C 238 -2.38 -7.92 40.09
N LEU C 239 -3.55 -7.35 39.87
CA LEU C 239 -4.04 -6.22 40.63
C LEU C 239 -3.01 -5.07 40.64
N ASN C 240 -2.44 -4.80 39.48
CA ASN C 240 -1.34 -3.83 39.34
C ASN C 240 -1.88 -2.43 38.98
N PHE C 241 -2.75 -1.90 39.85
CA PHE C 241 -3.33 -0.57 39.68
C PHE C 241 -3.21 0.22 40.97
N ARG C 242 -3.20 1.54 40.85
CA ARG C 242 -3.14 2.43 41.99
C ARG C 242 -4.55 2.90 42.29
N ALA C 243 -4.87 3.10 43.58
CA ALA C 243 -6.18 3.66 43.96
C ALA C 243 -6.37 5.07 43.39
N THR C 244 -7.63 5.45 43.17
CA THR C 244 -7.91 6.77 42.63
C THR C 244 -7.56 7.85 43.64
N GLN C 245 -7.19 9.02 43.13
CA GLN C 245 -6.60 10.08 43.92
C GLN C 245 -7.51 11.29 43.84
N PRO C 246 -7.51 12.15 44.88
CA PRO C 246 -8.41 13.29 44.87
C PRO C 246 -8.04 14.32 43.81
N LEU C 247 -9.07 14.92 43.21
CA LEU C 247 -8.90 15.92 42.16
C LEU C 247 -8.28 17.20 42.70
N ASN C 248 -8.57 17.52 43.97
CA ASN C 248 -8.07 18.73 44.62
C ASN C 248 -8.28 19.98 43.82
N GLY C 249 -9.49 20.14 43.30
CA GLY C 249 -9.85 21.33 42.52
C GLY C 249 -9.68 21.21 41.01
N ARG C 250 -8.95 20.21 40.52
CA ARG C 250 -8.85 19.95 39.08
C ARG C 250 -10.24 19.64 38.54
N VAL C 251 -10.61 20.28 37.43
CA VAL C 251 -11.83 19.94 36.69
C VAL C 251 -11.44 19.10 35.47
N ILE C 252 -12.06 17.93 35.35
CA ILE C 252 -11.86 17.05 34.21
C ILE C 252 -12.60 17.64 33.01
N GLU C 253 -11.92 17.72 31.87
CA GLU C 253 -12.53 18.29 30.67
C GLU C 253 -13.01 17.15 29.80
N ALA C 254 -14.10 17.37 29.07
CA ALA C 254 -14.63 16.39 28.11
C ALA C 254 -14.66 17.03 26.73
N SER C 255 -14.26 16.28 25.69
CA SER C 255 -14.27 16.79 24.30
C SER C 255 -15.66 16.76 23.62
N PHE C 256 -16.67 16.36 24.36
CA PHE C 256 -18.01 16.09 23.83
C PHE C 256 -19.03 16.50 24.91
N PRO C 257 -20.22 16.94 24.49
CA PRO C 257 -21.25 17.41 25.44
C PRO C 257 -22.05 16.28 26.11
N TRP D 7 19.31 -14.80 -3.19
CA TRP D 7 20.24 -15.51 -4.14
C TRP D 7 21.01 -14.52 -5.01
N ARG D 8 22.15 -14.98 -5.51
CA ARG D 8 22.94 -14.20 -6.45
C ARG D 8 23.78 -15.09 -7.36
N TYR D 9 24.34 -14.46 -8.38
CA TYR D 9 25.34 -15.07 -9.23
C TYR D 9 26.69 -15.08 -8.53
N GLY D 10 27.48 -16.12 -8.78
CA GLY D 10 28.86 -16.22 -8.31
C GLY D 10 29.07 -16.15 -6.80
N GLY D 11 28.20 -16.81 -6.04
CA GLY D 11 28.29 -16.81 -4.58
C GLY D 11 27.07 -17.33 -3.84
N ASP D 12 27.19 -17.42 -2.53
CA ASP D 12 26.16 -17.97 -1.64
C ASP D 12 24.95 -17.02 -1.52
N PRO D 13 23.77 -17.51 -1.09
CA PRO D 13 23.50 -18.91 -0.70
C PRO D 13 23.49 -19.93 -1.88
N PRO D 14 23.89 -21.21 -1.62
CA PRO D 14 23.70 -22.27 -2.63
C PRO D 14 22.25 -22.31 -3.11
N TRP D 15 22.05 -22.25 -4.42
CA TRP D 15 20.72 -22.23 -5.00
C TRP D 15 19.79 -23.38 -4.54
N PRO D 16 20.33 -24.62 -4.39
CA PRO D 16 19.47 -25.71 -3.85
C PRO D 16 18.94 -25.46 -2.42
N ARG D 17 19.68 -24.69 -1.61
CA ARG D 17 19.21 -24.22 -0.30
C ARG D 17 18.04 -23.26 -0.48
N VAL D 18 18.10 -22.39 -1.48
CA VAL D 18 17.01 -21.45 -1.79
C VAL D 18 15.77 -22.15 -2.35
N SER D 19 15.99 -23.00 -3.37
CA SER D 19 14.91 -23.79 -3.97
C SER D 19 15.43 -25.18 -4.34
N PRO D 20 14.83 -26.24 -3.76
CA PRO D 20 15.24 -27.63 -4.08
C PRO D 20 15.22 -27.94 -5.58
N ALA D 21 14.31 -27.31 -6.31
CA ALA D 21 14.19 -27.52 -7.75
C ALA D 21 15.47 -27.12 -8.53
N CYS D 22 16.30 -26.23 -7.96
CA CYS D 22 17.59 -25.89 -8.57
C CYS D 22 18.60 -27.07 -8.62
N ALA D 23 18.30 -28.17 -7.94
CA ALA D 23 19.09 -29.41 -8.02
C ALA D 23 18.36 -30.47 -8.82
N GLY D 24 17.38 -30.07 -9.64
CA GLY D 24 16.68 -31.03 -10.51
C GLY D 24 17.60 -31.58 -11.60
N ARG D 25 17.22 -32.72 -12.15
CA ARG D 25 18.00 -33.39 -13.21
C ARG D 25 17.93 -32.66 -14.54
N PHE D 26 16.87 -31.88 -14.77
CA PHE D 26 16.56 -31.37 -16.13
C PHE D 26 16.48 -29.86 -16.16
N GLN D 27 17.64 -29.26 -15.95
CA GLN D 27 17.77 -27.81 -15.77
C GLN D 27 18.19 -27.08 -17.04
N SER D 28 18.11 -25.75 -16.98
CA SER D 28 18.47 -24.86 -18.07
C SER D 28 19.46 -23.82 -17.53
N PRO D 29 20.30 -23.19 -18.36
CA PRO D 29 20.38 -23.39 -19.80
C PRO D 29 21.23 -24.62 -20.18
N VAL D 30 21.28 -24.93 -21.47
CA VAL D 30 22.03 -26.08 -21.97
C VAL D 30 22.91 -25.66 -23.14
N ASP D 31 23.85 -26.54 -23.48
CA ASP D 31 24.68 -26.39 -24.69
C ASP D 31 23.97 -27.08 -25.84
N ILE D 32 23.60 -26.31 -26.85
CA ILE D 32 22.87 -26.84 -28.00
C ILE D 32 23.91 -27.36 -28.99
N ARG D 33 23.74 -28.62 -29.40
CA ARG D 33 24.63 -29.27 -30.37
C ARG D 33 23.80 -29.56 -31.60
N PRO D 34 23.82 -28.66 -32.58
CA PRO D 34 22.94 -28.82 -33.74
C PRO D 34 23.01 -30.20 -34.44
N GLN D 35 24.17 -30.86 -34.37
CA GLN D 35 24.36 -32.21 -34.93
C GLN D 35 23.48 -33.26 -34.25
N LEU D 36 23.26 -33.09 -32.95
CA LEU D 36 22.49 -34.05 -32.16
C LEU D 36 21.01 -33.70 -32.00
N ALA D 37 20.57 -32.58 -32.58
CA ALA D 37 19.17 -32.18 -32.46
C ALA D 37 18.34 -33.04 -33.38
N ALA D 38 17.13 -33.35 -32.96
CA ALA D 38 16.23 -34.18 -33.73
C ALA D 38 15.38 -33.25 -34.58
N PHE D 39 15.45 -33.40 -35.91
CA PHE D 39 14.58 -32.66 -36.81
C PHE D 39 13.15 -33.08 -36.56
N SER D 40 12.27 -32.11 -36.32
CA SER D 40 10.87 -32.39 -35.96
C SER D 40 9.90 -31.53 -36.82
N PRO D 41 9.40 -32.09 -37.94
CA PRO D 41 8.55 -31.32 -38.89
C PRO D 41 7.24 -30.79 -38.33
N ALA D 42 6.78 -31.30 -37.19
CA ALA D 42 5.60 -30.75 -36.53
C ALA D 42 5.82 -29.36 -35.91
N LEU D 43 7.09 -28.98 -35.70
CA LEU D 43 7.43 -27.65 -35.18
C LEU D 43 7.24 -26.58 -36.26
N ARG D 44 6.15 -25.82 -36.17
CA ARG D 44 5.81 -24.82 -37.19
C ARG D 44 6.27 -23.41 -36.78
N PRO D 45 6.13 -22.42 -37.68
CA PRO D 45 6.53 -21.07 -37.25
C PRO D 45 5.77 -20.53 -36.04
N LEU D 46 6.48 -19.82 -35.18
CA LEU D 46 5.88 -19.25 -33.97
C LEU D 46 4.99 -18.12 -34.41
N GLU D 47 3.89 -17.90 -33.72
CA GLU D 47 2.96 -16.82 -34.03
C GLU D 47 2.75 -15.94 -32.80
N LEU D 48 2.99 -14.64 -32.98
CA LEU D 48 2.83 -13.61 -31.94
C LEU D 48 1.69 -12.68 -32.35
N LEU D 49 0.82 -12.35 -31.40
CA LEU D 49 -0.21 -11.31 -31.58
C LEU D 49 -0.11 -10.30 -30.45
N GLY D 50 -0.30 -9.01 -30.76
CA GLY D 50 -0.36 -7.98 -29.75
C GLY D 50 0.98 -7.42 -29.30
N PHE D 51 2.05 -7.80 -29.97
CA PHE D 51 3.39 -7.39 -29.57
C PHE D 51 3.76 -5.98 -30.05
N GLN D 52 3.00 -5.43 -31.01
CA GLN D 52 3.28 -4.05 -31.46
C GLN D 52 2.58 -3.02 -30.60
N LEU D 53 3.23 -2.62 -29.53
CA LEU D 53 2.58 -1.78 -28.55
C LEU D 53 2.69 -0.30 -28.90
N PRO D 54 1.63 0.47 -28.61
CA PRO D 54 1.68 1.93 -28.75
C PRO D 54 2.51 2.52 -27.61
N PRO D 55 2.88 3.81 -27.69
CA PRO D 55 3.64 4.50 -26.62
C PRO D 55 3.04 4.41 -25.23
N LEU D 56 1.72 4.54 -25.13
CA LEU D 56 1.02 4.48 -23.85
C LEU D 56 0.01 3.33 -23.85
N PRO D 57 -0.22 2.71 -22.70
CA PRO D 57 0.45 3.04 -21.42
C PRO D 57 1.93 2.63 -21.38
N GLU D 58 2.69 3.27 -20.51
CA GLU D 58 4.10 2.96 -20.36
C GLU D 58 4.29 1.60 -19.67
N LEU D 59 5.50 1.06 -19.81
CA LEU D 59 5.92 -0.22 -19.20
C LEU D 59 6.99 0.02 -18.13
N ARG D 60 7.00 -0.83 -17.11
CA ARG D 60 7.96 -0.71 -16.05
C ARG D 60 9.25 -1.45 -16.43
N LEU D 61 10.38 -0.75 -16.31
CA LEU D 61 11.69 -1.32 -16.60
C LEU D 61 12.50 -1.21 -15.32
N ARG D 62 13.03 -2.34 -14.88
CA ARG D 62 13.59 -2.47 -13.54
C ARG D 62 14.96 -3.19 -13.55
N ASN D 63 15.91 -2.57 -12.87
CA ASN D 63 17.13 -3.23 -12.43
C ASN D 63 16.81 -3.98 -11.14
N ASN D 64 16.61 -5.29 -11.25
CA ASN D 64 16.33 -6.09 -10.07
C ASN D 64 17.60 -6.63 -9.35
N GLY D 65 18.78 -6.16 -9.74
CA GLY D 65 20.02 -6.63 -9.12
C GLY D 65 20.64 -7.84 -9.81
N HIS D 66 19.86 -8.59 -10.57
CA HIS D 66 20.40 -9.71 -11.36
C HIS D 66 20.10 -9.67 -12.86
N SER D 67 19.26 -8.73 -13.29
CA SER D 67 19.05 -8.47 -14.72
C SER D 67 18.33 -7.12 -14.87
N VAL D 68 18.03 -6.76 -16.11
CA VAL D 68 17.09 -5.67 -16.38
C VAL D 68 15.85 -6.33 -16.98
N GLN D 69 14.70 -6.06 -16.38
CA GLN D 69 13.45 -6.74 -16.68
C GLN D 69 12.38 -5.73 -17.10
N LEU D 70 11.74 -6.00 -18.22
CA LEU D 70 10.70 -5.16 -18.74
C LEU D 70 9.41 -5.92 -18.52
N THR D 71 8.50 -5.32 -17.77
CA THR D 71 7.20 -5.94 -17.51
C THR D 71 6.30 -5.71 -18.70
N LEU D 72 5.70 -6.77 -19.20
CA LEU D 72 4.83 -6.68 -20.39
C LEU D 72 3.36 -6.62 -19.98
N PRO D 73 2.53 -5.91 -20.76
CA PRO D 73 1.12 -5.76 -20.41
C PRO D 73 0.33 -7.00 -20.80
N PRO D 74 -0.93 -7.09 -20.37
CA PRO D 74 -1.79 -8.18 -20.88
C PRO D 74 -2.05 -7.98 -22.37
N GLY D 75 -2.47 -9.05 -23.03
CA GLY D 75 -2.79 -9.02 -24.45
C GLY D 75 -1.70 -9.45 -25.43
N LEU D 76 -0.54 -9.90 -24.95
CA LEU D 76 0.52 -10.39 -25.84
C LEU D 76 0.40 -11.91 -25.93
N GLU D 77 -0.09 -12.41 -27.06
CA GLU D 77 -0.37 -13.84 -27.22
C GLU D 77 0.74 -14.47 -28.05
N MET D 78 1.13 -15.65 -27.65
CA MET D 78 2.15 -16.41 -28.36
C MET D 78 1.68 -17.86 -28.45
N ALA D 79 1.74 -18.44 -29.64
CA ALA D 79 1.41 -19.85 -29.84
C ALA D 79 2.64 -20.62 -30.31
N LEU D 80 2.97 -21.70 -29.59
CA LEU D 80 4.05 -22.59 -30.04
C LEU D 80 3.61 -23.53 -31.16
N GLY D 81 2.31 -23.61 -31.38
CA GLY D 81 1.73 -24.48 -32.39
C GLY D 81 0.24 -24.53 -32.11
N PRO D 82 -0.51 -25.23 -32.97
CA PRO D 82 -1.95 -25.36 -32.72
C PRO D 82 -2.24 -25.94 -31.32
N GLY D 83 -3.10 -25.27 -30.56
CA GLY D 83 -3.38 -25.69 -29.19
C GLY D 83 -2.28 -25.58 -28.14
N ARG D 84 -1.22 -24.80 -28.41
CA ARG D 84 -0.15 -24.57 -27.44
C ARG D 84 -0.01 -23.04 -27.25
N GLU D 85 -0.89 -22.50 -26.43
CA GLU D 85 -1.12 -21.05 -26.36
C GLU D 85 -0.62 -20.45 -25.07
N TYR D 86 -0.01 -19.29 -25.19
CA TYR D 86 0.67 -18.64 -24.07
C TYR D 86 0.41 -17.14 -24.11
N ARG D 87 0.67 -16.48 -22.98
CA ARG D 87 0.73 -15.03 -22.94
C ARG D 87 2.01 -14.53 -22.28
N ALA D 88 2.54 -13.44 -22.82
CA ALA D 88 3.82 -12.92 -22.40
C ALA D 88 3.69 -12.20 -21.06
N LEU D 89 4.65 -12.42 -20.18
CA LEU D 89 4.70 -11.74 -18.88
C LEU D 89 5.73 -10.63 -18.80
N GLN D 90 6.93 -10.90 -19.29
CA GLN D 90 8.05 -10.02 -19.10
C GLN D 90 9.17 -10.50 -19.99
N LEU D 91 10.12 -9.60 -20.24
CA LEU D 91 11.36 -9.96 -20.85
C LEU D 91 12.53 -9.40 -20.03
N HIS D 92 13.68 -10.05 -20.18
CA HIS D 92 14.90 -9.61 -19.52
C HIS D 92 16.10 -10.11 -20.30
N LEU D 93 17.27 -9.70 -19.85
CA LEU D 93 18.51 -9.95 -20.56
C LEU D 93 19.60 -10.57 -19.67
N HIS D 94 20.53 -11.25 -20.35
CA HIS D 94 21.68 -11.85 -19.72
C HIS D 94 22.88 -11.45 -20.58
N TRP D 95 23.96 -11.03 -19.93
CA TRP D 95 25.10 -10.43 -20.64
C TRP D 95 26.40 -10.67 -19.88
N GLY D 96 27.51 -10.31 -20.52
CA GLY D 96 28.83 -10.60 -19.98
C GLY D 96 29.51 -9.38 -19.40
N ALA D 97 30.68 -9.05 -19.96
CA ALA D 97 31.51 -7.94 -19.49
C ALA D 97 32.49 -7.59 -20.61
N ALA D 98 33.36 -6.61 -20.34
CA ALA D 98 34.39 -6.19 -21.32
C ALA D 98 35.12 -7.41 -21.89
N GLY D 99 34.99 -7.62 -23.20
CA GLY D 99 35.60 -8.75 -23.88
C GLY D 99 35.15 -10.17 -23.52
N ARG D 100 34.10 -10.32 -22.72
CA ARG D 100 33.69 -11.62 -22.17
C ARG D 100 32.20 -11.84 -22.46
N PRO D 101 31.86 -12.93 -23.17
CA PRO D 101 30.47 -13.17 -23.58
C PRO D 101 29.60 -13.61 -22.39
N GLY D 102 28.28 -13.43 -22.52
CA GLY D 102 27.38 -13.67 -21.38
C GLY D 102 26.01 -14.26 -21.66
N SER D 103 25.84 -14.90 -22.83
CA SER D 103 24.63 -15.66 -23.11
C SER D 103 24.53 -16.83 -22.14
N GLU D 104 23.31 -17.35 -22.00
CA GLU D 104 23.04 -18.49 -21.11
C GLU D 104 23.19 -19.79 -21.87
N HIS D 105 22.47 -19.92 -22.98
CA HIS D 105 22.64 -21.06 -23.85
C HIS D 105 23.96 -20.87 -24.63
N THR D 106 24.52 -21.99 -25.04
CA THR D 106 25.71 -21.98 -25.90
C THR D 106 25.41 -22.85 -27.06
N VAL D 107 26.14 -22.67 -28.16
CA VAL D 107 26.01 -23.55 -29.32
C VAL D 107 27.37 -24.19 -29.64
N GLU D 108 27.44 -25.52 -29.57
CA GLU D 108 28.72 -26.26 -29.66
C GLU D 108 29.79 -25.59 -28.80
N GLY D 109 29.43 -25.23 -27.57
CA GLY D 109 30.36 -24.64 -26.61
C GLY D 109 30.57 -23.14 -26.76
N HIS D 110 30.15 -22.56 -27.88
CA HIS D 110 30.28 -21.12 -28.08
C HIS D 110 29.25 -20.29 -27.27
N ARG D 111 29.76 -19.38 -26.44
CA ARG D 111 28.93 -18.43 -25.71
C ARG D 111 28.83 -17.14 -26.52
N PHE D 112 27.62 -16.57 -26.63
CA PHE D 112 27.36 -15.36 -27.40
C PHE D 112 27.43 -14.16 -26.47
N PRO D 113 27.58 -12.94 -27.03
CA PRO D 113 27.72 -11.76 -26.16
C PRO D 113 26.60 -11.57 -25.12
N ALA D 114 25.35 -11.75 -25.55
CA ALA D 114 24.23 -11.62 -24.61
C ALA D 114 23.04 -12.44 -25.08
N GLU D 115 21.95 -12.46 -24.32
CA GLU D 115 20.76 -13.24 -24.67
C GLU D 115 19.51 -12.56 -24.10
N ILE D 116 18.43 -12.55 -24.88
CA ILE D 116 17.12 -12.07 -24.44
C ILE D 116 16.19 -13.26 -24.19
N HIS D 117 15.43 -13.16 -23.10
CA HIS D 117 14.36 -14.08 -22.75
C HIS D 117 13.02 -13.36 -22.65
N VAL D 118 12.02 -13.90 -23.33
CA VAL D 118 10.65 -13.41 -23.24
C VAL D 118 9.86 -14.53 -22.59
N VAL D 119 9.40 -14.28 -21.36
CA VAL D 119 8.81 -15.31 -20.51
C VAL D 119 7.29 -15.26 -20.63
N HIS D 120 6.69 -16.44 -20.85
CA HIS D 120 5.26 -16.59 -21.08
C HIS D 120 4.61 -17.62 -20.17
N LEU D 121 3.32 -17.40 -19.94
CA LEU D 121 2.49 -18.24 -19.10
C LEU D 121 1.46 -18.95 -19.98
N SER D 122 1.33 -20.27 -19.81
CA SER D 122 0.31 -21.01 -20.51
C SER D 122 -1.08 -20.44 -20.17
N THR D 123 -1.93 -20.34 -21.19
CA THR D 123 -3.31 -19.89 -20.96
C THR D 123 -4.12 -20.83 -20.08
N ALA D 124 -3.62 -22.04 -19.79
CA ALA D 124 -4.29 -22.93 -18.83
C ALA D 124 -4.15 -22.48 -17.37
N PHE D 125 -3.24 -21.54 -17.09
CA PHE D 125 -2.99 -21.08 -15.74
C PHE D 125 -3.22 -19.59 -15.59
N ALA D 126 -3.80 -19.19 -14.45
CA ALA D 126 -4.08 -17.79 -14.16
C ALA D 126 -2.83 -17.07 -13.64
N ARG D 127 -1.97 -17.79 -12.92
CA ARG D 127 -0.81 -17.19 -12.31
C ARG D 127 0.42 -18.04 -12.50
N VAL D 128 1.57 -17.38 -12.52
CA VAL D 128 2.85 -18.08 -12.60
C VAL D 128 3.00 -19.12 -11.51
N ASP D 129 2.64 -18.78 -10.28
CA ASP D 129 2.90 -19.70 -9.17
C ASP D 129 2.18 -21.06 -9.30
N GLU D 130 1.05 -21.10 -9.97
CA GLU D 130 0.36 -22.35 -10.26
C GLU D 130 1.03 -23.10 -11.44
N ALA D 131 1.63 -22.36 -12.35
CA ALA D 131 2.30 -22.96 -13.52
C ALA D 131 3.67 -23.55 -13.21
N LEU D 132 4.28 -23.14 -12.11
CA LEU D 132 5.64 -23.55 -11.78
C LEU D 132 5.67 -25.06 -11.62
N GLY D 133 6.56 -25.70 -12.34
CA GLY D 133 6.71 -27.13 -12.23
C GLY D 133 5.69 -27.95 -13.00
N ARG D 134 4.75 -27.32 -13.72
CA ARG D 134 3.74 -28.09 -14.45
C ARG D 134 4.21 -28.21 -15.89
N PRO D 135 3.83 -29.31 -16.58
CA PRO D 135 4.33 -29.52 -17.96
C PRO D 135 3.84 -28.44 -18.91
N GLY D 136 4.77 -27.69 -19.51
CA GLY D 136 4.43 -26.63 -20.44
C GLY D 136 3.72 -25.43 -19.80
N GLY D 137 3.84 -25.28 -18.48
CA GLY D 137 3.17 -24.22 -17.76
C GLY D 137 3.75 -22.86 -18.10
N LEU D 138 5.07 -22.83 -18.31
CA LEU D 138 5.78 -21.65 -18.76
C LEU D 138 6.51 -21.96 -20.05
N ALA D 139 6.70 -20.93 -20.86
CA ALA D 139 7.49 -21.02 -22.09
C ALA D 139 8.34 -19.78 -22.23
N VAL D 140 9.62 -19.96 -22.55
CA VAL D 140 10.53 -18.84 -22.76
C VAL D 140 10.98 -18.83 -24.22
N LEU D 141 10.90 -17.66 -24.85
CA LEU D 141 11.51 -17.42 -26.17
C LEU D 141 12.87 -16.82 -25.92
N ALA D 142 13.89 -17.39 -26.56
CA ALA D 142 15.27 -17.00 -26.28
C ALA D 142 15.97 -16.67 -27.59
N ALA D 143 16.68 -15.55 -27.63
CA ALA D 143 17.50 -15.18 -28.78
C ALA D 143 18.86 -14.68 -28.35
N PHE D 144 19.87 -15.04 -29.13
CA PHE D 144 21.23 -14.57 -28.89
C PHE D 144 21.38 -13.16 -29.47
N LEU D 145 22.11 -12.33 -28.76
CA LEU D 145 22.52 -11.01 -29.25
C LEU D 145 24.02 -11.06 -29.59
N GLU D 146 24.35 -10.62 -30.80
CA GLU D 146 25.74 -10.59 -31.31
C GLU D 146 26.11 -9.17 -31.71
N GLU D 147 27.41 -8.96 -31.86
CA GLU D 147 27.93 -7.67 -32.28
C GLU D 147 27.78 -7.52 -33.79
N GLY D 148 27.14 -6.41 -34.20
CA GLY D 148 26.97 -6.05 -35.61
C GLY D 148 27.44 -4.62 -35.90
N PRO D 149 27.49 -4.25 -37.20
CA PRO D 149 27.93 -2.90 -37.58
C PRO D 149 26.93 -1.78 -37.30
N GLU D 150 25.62 -2.01 -37.50
CA GLU D 150 24.59 -0.98 -37.31
C GLU D 150 24.08 -0.92 -35.86
N GLU D 151 23.62 0.27 -35.46
CA GLU D 151 22.90 0.44 -34.19
C GLU D 151 21.50 -0.18 -34.33
N ASN D 152 21.13 -1.03 -33.38
CA ASN D 152 19.78 -1.61 -33.38
C ASN D 152 18.84 -0.62 -32.73
N SER D 153 17.90 -0.08 -33.50
CA SER D 153 17.05 0.99 -33.02
C SER D 153 15.97 0.49 -32.06
N ALA D 154 15.52 -0.75 -32.26
CA ALA D 154 14.61 -1.38 -31.31
C ALA D 154 15.24 -1.45 -29.92
N TYR D 155 16.47 -1.96 -29.83
CA TYR D 155 17.16 -2.07 -28.54
C TYR D 155 17.55 -0.73 -27.93
N GLU D 156 17.86 0.24 -28.78
CA GLU D 156 18.27 1.58 -28.32
C GLU D 156 17.24 2.22 -27.38
N GLN D 157 15.96 2.01 -27.71
CA GLN D 157 14.84 2.38 -26.84
C GLN D 157 14.97 1.96 -25.38
N LEU D 158 15.45 0.74 -25.14
CA LEU D 158 15.65 0.28 -23.79
C LEU D 158 17.03 0.64 -23.27
N LEU D 159 18.05 0.48 -24.13
CA LEU D 159 19.44 0.68 -23.69
C LEU D 159 19.70 2.13 -23.25
N SER D 160 19.05 3.08 -23.92
CA SER D 160 19.16 4.50 -23.56
C SER D 160 18.55 4.84 -22.21
N ARG D 161 17.74 3.93 -21.64
CA ARG D 161 17.15 4.13 -20.32
C ARG D 161 17.87 3.45 -19.17
N LEU D 162 18.94 2.70 -19.44
CA LEU D 162 19.63 1.98 -18.39
C LEU D 162 20.31 2.92 -17.39
N GLU D 163 20.85 4.06 -17.86
CA GLU D 163 21.51 5.01 -16.96
C GLU D 163 20.57 5.44 -15.83
N GLU D 164 19.29 5.72 -16.13
CA GLU D 164 18.26 6.00 -15.10
C GLU D 164 18.10 4.92 -14.04
N ILE D 165 18.39 3.67 -14.38
CA ILE D 165 18.22 2.58 -13.40
C ILE D 165 19.52 1.88 -13.03
N ALA D 166 20.61 2.63 -13.03
CA ALA D 166 21.92 2.08 -12.67
C ALA D 166 21.90 1.45 -11.29
N GLU D 167 21.22 2.08 -10.34
CA GLU D 167 21.17 1.60 -8.96
C GLU D 167 20.42 0.28 -8.87
N GLU D 168 20.99 -0.67 -8.15
CA GLU D 168 20.33 -1.94 -7.90
C GLU D 168 18.95 -1.67 -7.26
N GLY D 169 17.93 -2.36 -7.76
CA GLY D 169 16.57 -2.20 -7.24
C GLY D 169 15.82 -0.94 -7.69
N SER D 170 16.31 -0.26 -8.70
CA SER D 170 15.64 0.93 -9.22
C SER D 170 14.82 0.59 -10.45
N GLU D 171 13.84 1.44 -10.73
CA GLU D 171 12.99 1.25 -11.88
C GLU D 171 12.54 2.57 -12.49
N THR D 172 12.10 2.48 -13.73
CA THR D 172 11.61 3.62 -14.47
C THR D 172 10.50 3.14 -15.42
N GLN D 173 9.66 4.08 -15.85
CA GLN D 173 8.63 3.81 -16.83
C GLN D 173 9.16 4.20 -18.20
N VAL D 174 8.92 3.35 -19.21
CA VAL D 174 9.33 3.61 -20.60
C VAL D 174 8.12 3.44 -21.57
N PRO D 175 8.14 4.14 -22.71
CA PRO D 175 7.02 3.99 -23.65
C PRO D 175 6.95 2.59 -24.24
N GLY D 176 5.73 2.15 -24.57
CA GLY D 176 5.53 0.91 -25.31
C GLY D 176 6.31 0.97 -26.62
N LEU D 177 6.67 -0.21 -27.13
CA LEU D 177 7.43 -0.35 -28.37
C LEU D 177 7.04 -1.68 -29.03
N ASP D 178 7.51 -1.89 -30.25
CA ASP D 178 7.32 -3.19 -30.91
C ASP D 178 8.21 -4.22 -30.22
N ILE D 179 7.61 -5.00 -29.35
CA ILE D 179 8.34 -5.99 -28.60
C ILE D 179 8.94 -7.04 -29.55
N SER D 180 8.22 -7.37 -30.62
CA SER D 180 8.68 -8.41 -31.55
C SER D 180 9.91 -7.97 -32.34
N ALA D 181 10.18 -6.65 -32.38
CA ALA D 181 11.40 -6.14 -33.01
C ALA D 181 12.66 -6.37 -32.19
N LEU D 182 12.50 -6.83 -30.94
CA LEU D 182 13.64 -7.24 -30.11
C LEU D 182 14.09 -8.68 -30.39
N LEU D 183 13.31 -9.39 -31.18
CA LEU D 183 13.56 -10.78 -31.54
C LEU D 183 13.92 -10.90 -33.01
N PRO D 184 14.49 -12.06 -33.43
CA PRO D 184 14.80 -12.23 -34.86
C PRO D 184 13.56 -12.21 -35.74
N SER D 185 13.73 -11.90 -37.03
CA SER D 185 12.60 -11.90 -37.97
C SER D 185 12.18 -13.31 -38.38
N ASP D 186 13.11 -14.26 -38.29
CA ASP D 186 12.85 -15.64 -38.68
C ASP D 186 12.23 -16.41 -37.48
N PHE D 187 10.92 -16.64 -37.54
CA PHE D 187 10.19 -17.37 -36.48
C PHE D 187 9.98 -18.86 -36.84
N SER D 188 10.58 -19.31 -37.93
CA SER D 188 10.41 -20.67 -38.43
C SER D 188 11.57 -21.61 -38.07
N ARG D 189 12.75 -21.06 -37.83
CA ARG D 189 13.96 -21.86 -37.57
C ARG D 189 14.36 -21.72 -36.10
N TYR D 190 14.20 -22.80 -35.35
CA TYR D 190 14.48 -22.78 -33.93
C TYR D 190 14.75 -24.14 -33.34
N PHE D 191 15.35 -24.11 -32.15
CA PHE D 191 15.56 -25.27 -31.33
C PHE D 191 14.52 -25.23 -30.19
N GLN D 192 14.11 -26.40 -29.73
CA GLN D 192 13.14 -26.50 -28.66
C GLN D 192 13.41 -27.70 -27.78
N TYR D 193 13.42 -27.47 -26.48
CA TYR D 193 13.58 -28.53 -25.49
C TYR D 193 12.87 -28.15 -24.18
N GLU D 194 12.69 -29.13 -23.32
CA GLU D 194 12.10 -28.92 -22.01
C GLU D 194 13.17 -28.80 -20.92
N GLY D 195 13.09 -27.73 -20.13
CA GLY D 195 14.02 -27.51 -19.03
C GLY D 195 13.38 -26.76 -17.88
N SER D 196 14.06 -25.74 -17.40
CA SER D 196 13.77 -25.10 -16.14
C SER D 196 13.95 -23.60 -16.22
N LEU D 197 13.48 -22.90 -15.19
CA LEU D 197 13.86 -21.52 -14.97
C LEU D 197 15.35 -21.53 -14.64
N THR D 198 16.09 -20.52 -15.10
CA THR D 198 17.55 -20.49 -14.95
C THR D 198 18.02 -19.74 -13.72
N THR D 199 17.07 -19.30 -12.89
CA THR D 199 17.38 -18.75 -11.59
C THR D 199 16.40 -19.41 -10.64
N PRO D 200 16.65 -19.30 -9.32
CA PRO D 200 15.62 -19.79 -8.43
C PRO D 200 14.29 -19.13 -8.75
N PRO D 201 13.17 -19.86 -8.60
CA PRO D 201 13.13 -21.20 -8.00
C PRO D 201 13.50 -22.39 -8.94
N CYS D 202 13.95 -22.16 -10.18
CA CYS D 202 14.49 -23.22 -11.08
C CYS D 202 13.50 -24.35 -11.41
N ALA D 203 12.20 -24.04 -11.34
CA ALA D 203 11.19 -25.03 -11.56
C ALA D 203 11.29 -25.59 -12.99
N GLN D 204 11.08 -26.90 -13.10
CA GLN D 204 11.10 -27.61 -14.37
C GLN D 204 9.74 -27.56 -15.07
N GLY D 205 9.62 -28.18 -16.23
CA GLY D 205 8.42 -28.14 -17.04
C GLY D 205 8.38 -26.96 -18.02
N VAL D 206 9.47 -26.19 -18.11
CA VAL D 206 9.54 -25.00 -18.93
C VAL D 206 9.89 -25.36 -20.39
N ILE D 207 9.09 -24.91 -21.35
CA ILE D 207 9.44 -25.11 -22.77
C ILE D 207 10.31 -23.94 -23.26
N TRP D 208 11.55 -24.25 -23.60
CA TRP D 208 12.51 -23.29 -24.14
C TRP D 208 12.55 -23.39 -25.63
N THR D 209 12.42 -22.25 -26.28
CA THR D 209 12.53 -22.14 -27.73
C THR D 209 13.65 -21.15 -28.01
N VAL D 210 14.73 -21.63 -28.65
CA VAL D 210 15.92 -20.83 -28.89
C VAL D 210 16.00 -20.60 -30.39
N PHE D 211 15.98 -19.33 -30.80
CA PHE D 211 15.99 -18.99 -32.24
C PHE D 211 17.36 -19.34 -32.84
N ASN D 212 17.33 -19.80 -34.09
CA ASN D 212 18.55 -20.01 -34.87
C ASN D 212 19.21 -18.66 -35.23
N GLN D 213 18.42 -17.77 -35.83
CA GLN D 213 18.88 -16.44 -36.22
C GLN D 213 19.16 -15.62 -34.97
N THR D 214 20.24 -14.83 -34.99
CA THR D 214 20.61 -13.93 -33.89
C THR D 214 20.18 -12.51 -34.19
N VAL D 215 20.25 -11.67 -33.18
CA VAL D 215 19.94 -10.26 -33.29
C VAL D 215 21.25 -9.50 -33.16
N MET D 216 21.42 -8.46 -33.97
CA MET D 216 22.64 -7.64 -33.97
C MET D 216 22.49 -6.37 -33.14
N LEU D 217 23.38 -6.16 -32.17
CA LEU D 217 23.54 -4.86 -31.52
C LEU D 217 24.90 -4.29 -31.92
N SER D 218 25.06 -2.96 -31.84
CA SER D 218 26.37 -2.33 -32.08
C SER D 218 27.29 -2.65 -30.93
N ALA D 219 28.58 -2.47 -31.18
CA ALA D 219 29.58 -2.64 -30.12
C ALA D 219 29.27 -1.71 -28.94
N LYS D 220 28.91 -0.47 -29.22
CA LYS D 220 28.57 0.47 -28.14
C LYS D 220 27.33 0.01 -27.34
N GLN D 221 26.32 -0.47 -28.04
CA GLN D 221 25.10 -1.00 -27.39
C GLN D 221 25.39 -2.13 -26.42
N LEU D 222 26.18 -3.11 -26.86
CA LEU D 222 26.61 -4.20 -25.98
C LEU D 222 27.42 -3.70 -24.80
N HIS D 223 28.21 -2.63 -25.00
CA HIS D 223 28.93 -2.00 -23.88
C HIS D 223 27.99 -1.29 -22.90
N THR D 224 27.00 -0.56 -23.41
CA THR D 224 26.00 0.08 -22.57
C THR D 224 25.29 -0.99 -21.74
N LEU D 225 24.86 -2.06 -22.38
CA LEU D 225 24.21 -3.18 -21.68
C LEU D 225 25.06 -3.71 -20.51
N SER D 226 26.33 -4.02 -20.78
CA SER D 226 27.19 -4.64 -19.76
C SER D 226 27.87 -3.68 -18.78
N ASP D 227 27.85 -2.39 -19.05
CA ASP D 227 28.68 -1.46 -18.28
C ASP D 227 27.90 -0.42 -17.48
N THR D 228 26.55 -0.46 -17.51
CA THR D 228 25.73 0.60 -16.91
C THR D 228 25.14 0.25 -15.56
N LEU D 229 24.69 -1.00 -15.40
CA LEU D 229 23.93 -1.38 -14.22
C LEU D 229 24.80 -1.92 -13.09
N TRP D 230 24.37 -1.66 -11.87
CA TRP D 230 25.04 -2.09 -10.67
C TRP D 230 24.17 -3.09 -9.94
N GLY D 231 24.82 -4.07 -9.31
CA GLY D 231 24.15 -5.18 -8.65
C GLY D 231 24.46 -5.20 -7.18
N PRO D 232 24.24 -6.36 -6.50
CA PRO D 232 24.44 -6.52 -5.06
C PRO D 232 25.81 -6.06 -4.60
N GLY D 233 25.87 -5.52 -3.39
CA GLY D 233 27.09 -4.87 -2.89
C GLY D 233 27.37 -3.61 -3.68
N ASP D 234 28.64 -3.27 -3.84
CA ASP D 234 29.05 -2.16 -4.71
C ASP D 234 29.71 -2.73 -5.96
N SER D 235 29.10 -3.77 -6.55
CA SER D 235 29.67 -4.48 -7.70
C SER D 235 28.83 -4.26 -8.95
N ARG D 236 29.48 -4.33 -10.11
CA ARG D 236 28.80 -4.14 -11.40
C ARG D 236 27.90 -5.32 -11.74
N LEU D 237 26.78 -5.06 -12.40
CA LEU D 237 25.85 -6.12 -12.79
C LEU D 237 26.33 -6.65 -14.14
N GLN D 238 27.08 -7.76 -14.09
CA GLN D 238 27.77 -8.34 -15.25
C GLN D 238 27.83 -9.85 -15.14
N LEU D 239 28.03 -10.53 -16.26
CA LEU D 239 28.19 -12.00 -16.23
C LEU D 239 27.02 -12.66 -15.46
N ASN D 240 25.82 -12.17 -15.74
CA ASN D 240 24.62 -12.59 -15.03
C ASN D 240 23.97 -13.75 -15.78
N PHE D 241 24.70 -14.86 -15.83
CA PHE D 241 24.24 -16.07 -16.52
C PHE D 241 24.57 -17.28 -15.67
N ARG D 242 23.71 -18.30 -15.76
CA ARG D 242 23.94 -19.56 -15.10
C ARG D 242 24.83 -20.45 -15.99
N ALA D 243 25.68 -21.23 -15.33
CA ALA D 243 26.49 -22.24 -16.00
C ALA D 243 25.60 -23.25 -16.72
N THR D 244 26.12 -23.74 -17.84
CA THR D 244 25.50 -24.78 -18.65
C THR D 244 25.12 -25.97 -17.83
N GLN D 245 23.94 -26.53 -18.09
CA GLN D 245 23.47 -27.71 -17.39
C GLN D 245 23.44 -28.89 -18.35
N PRO D 246 23.76 -30.09 -17.84
CA PRO D 246 23.78 -31.26 -18.75
C PRO D 246 22.40 -31.60 -19.26
N LEU D 247 22.32 -32.04 -20.51
CA LEU D 247 21.06 -32.48 -21.06
C LEU D 247 20.49 -33.67 -20.33
N ASN D 248 21.37 -34.59 -19.87
CA ASN D 248 20.96 -35.71 -19.03
C ASN D 248 19.98 -36.65 -19.72
N GLY D 249 20.15 -36.80 -21.03
CA GLY D 249 19.30 -37.69 -21.81
C GLY D 249 18.20 -37.02 -22.57
N ARG D 250 17.95 -35.73 -22.31
CA ARG D 250 16.95 -34.99 -23.09
C ARG D 250 17.46 -34.83 -24.53
N VAL D 251 16.54 -34.79 -25.47
CA VAL D 251 16.88 -34.51 -26.86
C VAL D 251 16.34 -33.13 -27.23
N ILE D 252 17.18 -32.30 -27.83
CA ILE D 252 16.74 -31.03 -28.32
C ILE D 252 16.15 -31.23 -29.71
N GLU D 253 14.98 -30.66 -29.97
CA GLU D 253 14.35 -30.74 -31.28
C GLU D 253 14.70 -29.49 -32.08
N ALA D 254 14.70 -29.62 -33.39
CA ALA D 254 14.99 -28.52 -34.31
C ALA D 254 13.85 -28.46 -35.28
N SER D 255 13.42 -27.26 -35.60
CA SER D 255 12.28 -27.06 -36.50
C SER D 255 12.73 -27.14 -37.96
N PHE D 256 14.00 -27.39 -38.19
CA PHE D 256 14.56 -27.41 -39.55
C PHE D 256 15.54 -28.58 -39.67
N PRO D 257 15.69 -29.14 -40.89
CA PRO D 257 16.61 -30.26 -41.11
C PRO D 257 18.09 -29.86 -41.09
S1 Y0R E . -12.12 -11.22 -0.13
N2 Y0R E . -13.06 -12.18 0.77
O5 Y0R E . -11.79 -10.01 0.61
O6 Y0R E . -12.81 -10.82 -1.32
C7 Y0R E . -10.62 -11.91 -0.40
S8 Y0R E . -9.87 -11.85 -1.96
C9 Y0R E . -8.44 -12.63 -1.36
C10 Y0R E . -8.52 -12.91 0.02
C11 Y0R E . -9.77 -12.48 0.57
C12 Y0R E . -7.31 -12.88 -2.30
C13 Y0R E . -6.00 -13.18 -1.95
N14 Y0R E . -5.41 -13.25 -3.15
N15 Y0R E . -6.27 -12.97 -4.24
N16 Y0R E . -7.51 -12.71 -3.64
C23 Y0R E . 0.06 -14.48 -4.43
C24 Y0R E . -4.10 -13.53 -3.39
C25 Y0R E . -3.03 -13.19 -2.55
C26 Y0R E . -1.69 -13.48 -2.86
C27 Y0R E . -1.36 -14.13 -4.05
C28 Y0R E . -2.40 -14.49 -4.91
C29 Y0R E . -3.72 -14.19 -4.58
ZN ZN F . -14.78 -12.62 -0.15
C1 GOL G . -10.74 -15.40 -2.05
O1 GOL G . -9.60 -16.26 -2.28
C2 GOL G . -11.60 -15.86 -0.89
O2 GOL G . -10.93 -15.69 0.37
C3 GOL G . -11.97 -17.33 -1.02
O3 GOL G . -12.28 -17.76 -2.34
S1 Y0R H . 5.24 18.54 -9.09
N2 Y0R H . 5.43 20.00 -9.72
O5 Y0R H . 4.19 17.84 -9.77
O6 Y0R H . 4.98 18.64 -7.69
C7 Y0R H . 6.57 17.55 -9.37
S8 Y0R H . 7.24 16.55 -8.13
C9 Y0R H . 8.40 15.87 -9.18
C10 Y0R H . 8.26 16.36 -10.49
C11 Y0R H . 7.21 17.33 -10.60
C12 Y0R H . 9.30 14.81 -8.63
C13 Y0R H . 9.94 13.80 -9.35
N14 Y0R H . 10.52 13.09 -8.36
N15 Y0R H . 10.24 13.56 -7.06
N16 Y0R H . 9.41 14.67 -7.28
C23 Y0R H . 13.77 8.41 -9.08
C24 Y0R H . 11.30 12.00 -8.53
C25 Y0R H . 12.24 11.56 -7.56
C26 Y0R H . 13.04 10.42 -7.72
C27 Y0R H . 12.93 9.65 -8.88
C28 Y0R H . 12.01 10.04 -9.85
C29 Y0R H . 11.22 11.17 -9.67
ZN ZN I . 5.48 21.44 -8.56
C1 GOL J . 10.06 20.97 -10.10
O1 GOL J . 11.07 21.06 -11.12
C2 GOL J . 10.62 20.35 -8.81
O2 GOL J . 11.73 21.14 -8.31
C3 GOL J . 10.99 18.88 -9.02
O3 GOL J . 10.56 18.11 -7.89
C ACY K . -3.70 22.56 12.27
O ACY K . -4.92 22.82 12.03
OXT ACY K . -3.28 21.42 12.70
CH3 ACY K . -2.71 23.68 12.11
S1 Y0R L . 1.88 5.29 33.89
N2 Y0R L . 1.10 4.10 34.67
O5 Y0R L . 1.54 5.29 32.48
O6 Y0R L . 1.45 6.51 34.48
C7 Y0R L . 3.52 5.29 34.12
S8 Y0R L . 4.58 5.72 32.83
C9 Y0R L . 5.93 5.49 33.88
C10 Y0R L . 5.58 5.14 35.19
C11 Y0R L . 4.18 5.00 35.32
C12 Y0R L . 7.28 5.84 33.34
C13 Y0R L . 8.37 6.24 34.10
N14 Y0R L . 9.26 6.52 33.15
N15 Y0R L . 8.76 6.39 31.85
N16 Y0R L . 7.43 5.96 32.01
C23 Y0R L . 14.70 8.26 33.64
C24 Y0R L . 10.54 6.93 33.31
C25 Y0R L . 11.04 7.59 34.46
C26 Y0R L . 12.36 8.02 34.58
C27 Y0R L . 13.26 7.81 33.54
C28 Y0R L . 12.82 7.18 32.38
C29 Y0R L . 11.49 6.76 32.28
ZN ZN M . 0.27 2.83 33.35
C1 GOL N . 5.17 1.48 33.48
O1 GOL N . 6.02 2.02 32.47
C2 GOL N . 5.62 0.05 33.77
O2 GOL N . 5.22 -0.79 32.67
C3 GOL N . 5.09 -0.51 35.08
O3 GOL N . 4.11 0.38 35.65
S1 Y0R O . 14.58 -17.15 -16.92
N2 Y0R O . 16.06 -16.50 -16.70
O5 Y0R O . 14.58 -18.60 -16.96
O6 Y0R O . 14.02 -16.68 -18.15
C7 Y0R O . 13.67 -16.86 -15.57
S8 Y0R O . 12.04 -16.26 -15.65
C9 Y0R O . 11.92 -16.34 -13.92
C10 Y0R O . 13.08 -16.85 -13.31
C11 Y0R O . 14.08 -17.16 -14.25
C12 Y0R O . 10.62 -15.96 -13.29
C13 Y0R O . 10.22 -16.23 -11.98
N14 Y0R O . 8.97 -15.72 -11.97
N15 Y0R O . 8.56 -15.22 -13.22
N16 Y0R O . 9.66 -15.40 -14.07
C23 Y0R O . 5.15 -15.86 -7.65
C24 Y0R O . 8.09 -15.74 -10.93
C25 Y0R O . 7.08 -14.77 -10.78
C26 Y0R O . 6.14 -14.80 -9.73
C27 Y0R O . 6.16 -15.81 -8.77
C28 Y0R O . 7.14 -16.80 -8.90
C29 Y0R O . 8.06 -16.75 -9.95
ZN ZN P . 16.51 -15.44 -18.22
C1 GOL Q . 13.33 -13.07 -14.17
O1 GOL Q . 12.24 -12.90 -13.23
C2 GOL Q . 14.59 -12.38 -13.61
O2 GOL Q . 15.03 -11.26 -14.41
C3 GOL Q . 15.67 -13.45 -13.45
O3 GOL Q . 16.07 -13.99 -14.70
C ACY R . 25.06 -34.32 -21.67
O ACY R . 26.16 -33.84 -21.36
OXT ACY R . 24.18 -34.60 -20.80
CH3 ACY R . 24.85 -34.61 -23.13
#